data_2RNQ
#
_entry.id   2RNQ
#
_symmetry.space_group_name_H-M   'P 1'
#
_entity_poly.entity_id   1
_entity_poly.type   'polypeptide(L)'
_entity_poly.pdbx_seq_one_letter_code
;GSEEDEEEDDEFEEVADDPIVMVAGRPFSYSEVSQRPELVAQMTPEEKEAYIAMGQRMFEDLFE
;
_entity_poly.pdbx_strand_id   A
#
# COMPACT_ATOMS: atom_id res chain seq x y z
N GLU A 3 -0.37 -4.91 -19.97
CA GLU A 3 -1.60 -5.67 -19.67
C GLU A 3 -1.28 -7.16 -19.58
N GLU A 4 -2.32 -7.98 -19.41
CA GLU A 4 -2.15 -9.43 -19.31
C GLU A 4 -1.77 -10.00 -20.67
N ASP A 5 -2.55 -9.64 -21.68
CA ASP A 5 -2.32 -10.11 -23.04
C ASP A 5 -1.23 -9.25 -23.69
N GLU A 6 0.00 -9.51 -23.29
CA GLU A 6 1.15 -8.76 -23.79
C GLU A 6 1.92 -9.58 -24.83
N GLU A 7 2.55 -10.66 -24.35
CA GLU A 7 3.34 -11.53 -25.20
C GLU A 7 3.60 -12.86 -24.49
N GLU A 8 4.28 -12.78 -23.36
CA GLU A 8 4.59 -13.97 -22.57
C GLU A 8 3.35 -14.40 -21.78
N ASP A 9 3.30 -15.68 -21.43
CA ASP A 9 2.18 -16.23 -20.68
C ASP A 9 2.24 -15.82 -19.21
N ASP A 10 1.23 -15.10 -18.76
CA ASP A 10 1.15 -14.64 -17.38
C ASP A 10 -0.30 -14.37 -17.00
N GLU A 11 -0.52 -13.93 -15.77
CA GLU A 11 -1.85 -13.66 -15.28
C GLU A 11 -1.83 -12.53 -14.24
N PHE A 12 -2.97 -12.30 -13.61
CA PHE A 12 -3.11 -11.28 -12.58
C PHE A 12 -2.85 -9.88 -13.12
N GLU A 13 -3.46 -9.57 -14.28
CA GLU A 13 -3.33 -8.26 -14.90
C GLU A 13 -3.62 -7.15 -13.89
N GLU A 14 -2.62 -6.30 -13.65
CA GLU A 14 -2.76 -5.19 -12.74
C GLU A 14 -2.35 -3.91 -13.44
N VAL A 15 -3.10 -2.84 -13.20
CA VAL A 15 -2.80 -1.55 -13.83
C VAL A 15 -2.67 -0.45 -12.79
N ALA A 16 -2.56 -0.86 -11.55
CA ALA A 16 -2.40 0.07 -10.45
C ALA A 16 -0.95 0.13 -10.00
N ASP A 17 -0.41 1.35 -9.94
CA ASP A 17 0.96 1.57 -9.50
C ASP A 17 1.08 1.21 -8.02
N ASP A 18 0.37 1.94 -7.18
CA ASP A 18 0.37 1.71 -5.75
C ASP A 18 -0.87 0.90 -5.37
N PRO A 19 -0.69 -0.15 -4.56
CA PRO A 19 -1.79 -0.99 -4.12
C PRO A 19 -2.59 -0.30 -3.03
N ILE A 20 -3.84 0.01 -3.32
CA ILE A 20 -4.68 0.69 -2.36
C ILE A 20 -4.96 -0.23 -1.17
N VAL A 21 -4.55 0.22 -0.01
CA VAL A 21 -4.69 -0.53 1.21
C VAL A 21 -5.67 0.18 2.14
N MET A 22 -6.42 -0.56 2.93
CA MET A 22 -7.40 0.02 3.80
C MET A 22 -6.85 0.21 5.21
N VAL A 23 -7.03 1.41 5.71
CA VAL A 23 -6.61 1.75 7.07
C VAL A 23 -7.81 2.30 7.83
N ALA A 24 -8.24 1.55 8.82
CA ALA A 24 -9.38 1.91 9.65
C ALA A 24 -10.67 1.98 8.84
N GLY A 25 -10.72 1.21 7.76
CA GLY A 25 -11.91 1.17 6.93
C GLY A 25 -11.90 2.19 5.81
N ARG A 26 -10.76 2.81 5.59
CA ARG A 26 -10.63 3.81 4.53
C ARG A 26 -9.52 3.40 3.57
N PRO A 27 -9.69 3.68 2.27
CA PRO A 27 -8.71 3.31 1.26
C PRO A 27 -7.65 4.39 1.00
N PHE A 28 -6.39 4.04 1.26
CA PHE A 28 -5.27 4.95 1.03
C PHE A 28 -4.20 4.21 0.25
N SER A 29 -3.13 4.89 -0.07
CA SER A 29 -2.04 4.29 -0.81
C SER A 29 -1.19 3.43 0.13
N TYR A 30 -0.72 2.29 -0.37
CA TYR A 30 0.09 1.38 0.42
C TYR A 30 1.40 2.03 0.83
N SER A 31 2.04 2.72 -0.12
CA SER A 31 3.30 3.39 0.14
C SER A 31 3.14 4.39 1.28
N GLU A 32 1.95 5.00 1.34
CA GLU A 32 1.64 5.97 2.38
C GLU A 32 1.55 5.29 3.74
N VAL A 33 0.86 4.16 3.80
CA VAL A 33 0.70 3.42 5.05
C VAL A 33 2.03 2.86 5.54
N SER A 34 2.90 2.48 4.61
CA SER A 34 4.19 1.92 4.98
C SER A 34 5.12 3.02 5.51
N GLN A 35 4.69 4.26 5.38
CA GLN A 35 5.46 5.40 5.86
C GLN A 35 4.74 6.09 7.01
N ARG A 36 3.49 5.68 7.24
CA ARG A 36 2.68 6.26 8.30
C ARG A 36 2.31 5.22 9.35
N PRO A 37 3.04 5.19 10.46
CA PRO A 37 2.77 4.27 11.54
C PRO A 37 1.39 4.50 12.14
N GLU A 38 0.98 5.76 12.25
CA GLU A 38 -0.32 6.11 12.83
C GLU A 38 -1.44 5.39 12.09
N LEU A 39 -1.16 5.04 10.86
CA LEU A 39 -2.12 4.37 10.01
C LEU A 39 -2.12 2.87 10.26
N VAL A 40 -0.97 2.25 10.22
CA VAL A 40 -0.90 0.81 10.47
C VAL A 40 -1.35 0.52 11.89
N ALA A 41 -1.11 1.46 12.79
CA ALA A 41 -1.52 1.32 14.19
C ALA A 41 -3.04 1.45 14.30
N GLN A 42 -3.64 2.09 13.31
CA GLN A 42 -5.09 2.27 13.27
C GLN A 42 -5.71 1.09 12.53
N MET A 43 -4.88 0.41 11.74
CA MET A 43 -5.31 -0.75 10.98
C MET A 43 -5.87 -1.83 11.89
N THR A 44 -6.98 -2.41 11.47
CA THR A 44 -7.60 -3.48 12.20
C THR A 44 -6.77 -4.75 12.01
N PRO A 45 -7.02 -5.82 12.78
CA PRO A 45 -6.29 -7.08 12.62
C PRO A 45 -6.34 -7.54 11.16
N GLU A 46 -7.51 -7.42 10.58
CA GLU A 46 -7.74 -7.81 9.21
C GLU A 46 -6.93 -6.93 8.24
N GLU A 47 -6.96 -5.62 8.47
CA GLU A 47 -6.25 -4.68 7.61
C GLU A 47 -4.73 -4.82 7.76
N LYS A 48 -4.25 -4.85 8.99
CA LYS A 48 -2.81 -4.97 9.22
C LYS A 48 -2.28 -6.26 8.66
N GLU A 49 -2.94 -7.37 8.94
CA GLU A 49 -2.51 -8.67 8.45
C GLU A 49 -2.52 -8.70 6.92
N ALA A 50 -3.42 -7.93 6.31
CA ALA A 50 -3.51 -7.88 4.86
C ALA A 50 -2.37 -7.02 4.30
N TYR A 51 -2.23 -5.83 4.87
CA TYR A 51 -1.19 -4.89 4.48
C TYR A 51 0.19 -5.50 4.71
N ILE A 52 0.36 -6.08 5.88
CA ILE A 52 1.60 -6.71 6.28
C ILE A 52 1.89 -7.91 5.39
N ALA A 53 0.85 -8.62 4.98
CA ALA A 53 1.01 -9.76 4.10
C ALA A 53 1.45 -9.29 2.72
N MET A 54 0.90 -8.15 2.31
CA MET A 54 1.25 -7.55 1.03
C MET A 54 2.72 -7.15 1.02
N GLY A 55 3.13 -6.46 2.08
CA GLY A 55 4.50 -6.03 2.21
C GLY A 55 5.47 -7.18 2.23
N GLN A 56 5.14 -8.22 2.98
CA GLN A 56 5.99 -9.41 3.07
C GLN A 56 6.25 -9.99 1.70
N ARG A 57 5.18 -10.14 0.91
CA ARG A 57 5.29 -10.71 -0.44
C ARG A 57 6.14 -9.83 -1.36
N MET A 58 6.33 -8.57 -0.97
CA MET A 58 7.12 -7.65 -1.77
C MET A 58 8.61 -7.75 -1.40
N PHE A 59 8.89 -8.42 -0.30
CA PHE A 59 10.27 -8.58 0.15
C PHE A 59 10.61 -10.06 0.34
N GLU A 60 9.86 -10.91 -0.33
CA GLU A 60 10.07 -12.36 -0.24
C GLU A 60 10.79 -12.86 -1.48
N ASP A 61 11.43 -11.93 -2.17
CA ASP A 61 12.18 -12.24 -3.37
C ASP A 61 13.33 -11.26 -3.49
N LEU A 62 14.48 -11.65 -2.99
CA LEU A 62 15.67 -10.82 -3.01
C LEU A 62 16.81 -11.55 -3.71
N PHE A 63 17.60 -10.81 -4.46
CA PHE A 63 18.74 -11.36 -5.17
C PHE A 63 20.03 -10.70 -4.70
N GLU A 64 19.92 -9.96 -3.61
CA GLU A 64 21.05 -9.26 -3.04
C GLU A 64 21.61 -10.03 -1.85
N GLU A 3 -1.96 -5.29 -21.85
CA GLU A 3 -1.84 -4.61 -20.54
C GLU A 3 -0.51 -4.96 -19.89
N GLU A 4 0.32 -3.93 -19.69
CA GLU A 4 1.65 -4.11 -19.09
C GLU A 4 2.47 -5.10 -19.90
N ASP A 5 2.25 -5.08 -21.21
CA ASP A 5 2.94 -5.97 -22.13
C ASP A 5 4.41 -5.61 -22.23
N GLU A 6 5.24 -6.62 -22.48
CA GLU A 6 6.68 -6.42 -22.58
C GLU A 6 7.10 -6.38 -24.05
N GLU A 7 6.28 -6.93 -24.92
CA GLU A 7 6.57 -6.94 -26.35
C GLU A 7 6.26 -5.59 -26.97
N GLU A 8 7.02 -5.24 -28.00
CA GLU A 8 6.87 -3.96 -28.71
C GLU A 8 7.17 -2.77 -27.80
N ASP A 9 6.98 -1.56 -28.31
CA ASP A 9 7.23 -0.35 -27.52
C ASP A 9 5.97 0.52 -27.47
N ASP A 10 5.30 0.49 -26.32
CA ASP A 10 4.09 1.27 -26.12
C ASP A 10 3.79 1.40 -24.63
N GLU A 11 3.17 2.51 -24.25
CA GLU A 11 2.82 2.76 -22.85
C GLU A 11 1.47 2.14 -22.53
N PHE A 12 1.33 0.85 -22.81
CA PHE A 12 0.09 0.13 -22.57
C PHE A 12 0.05 -0.47 -21.16
N GLU A 13 0.63 0.23 -20.22
CA GLU A 13 0.66 -0.22 -18.83
C GLU A 13 -0.28 0.64 -17.98
N GLU A 14 -1.03 -0.01 -17.10
CA GLU A 14 -1.96 0.69 -16.22
C GLU A 14 -1.20 1.45 -15.13
N VAL A 15 -1.85 2.44 -14.54
CA VAL A 15 -1.24 3.25 -13.49
C VAL A 15 -1.51 2.65 -12.11
N ALA A 16 -1.94 1.40 -12.11
CA ALA A 16 -2.24 0.68 -10.88
C ALA A 16 -0.96 0.13 -10.26
N ASP A 17 -0.08 1.04 -9.85
CA ASP A 17 1.19 0.67 -9.23
C ASP A 17 1.00 0.36 -7.75
N ASP A 18 0.76 1.40 -6.96
CA ASP A 18 0.56 1.25 -5.53
C ASP A 18 -0.72 0.50 -5.22
N PRO A 19 -0.63 -0.54 -4.38
CA PRO A 19 -1.76 -1.34 -3.97
C PRO A 19 -2.54 -0.64 -2.87
N ILE A 20 -3.78 -0.29 -3.15
CA ILE A 20 -4.59 0.42 -2.18
C ILE A 20 -4.89 -0.49 -0.99
N VAL A 21 -4.49 -0.03 0.17
CA VAL A 21 -4.65 -0.77 1.40
C VAL A 21 -5.64 -0.04 2.30
N MET A 22 -6.47 -0.79 3.01
CA MET A 22 -7.48 -0.21 3.87
C MET A 22 -6.95 0.04 5.27
N VAL A 23 -7.17 1.25 5.74
CA VAL A 23 -6.79 1.64 7.08
C VAL A 23 -7.99 2.24 7.78
N ALA A 24 -8.51 1.51 8.75
CA ALA A 24 -9.66 1.92 9.53
C ALA A 24 -10.90 1.98 8.65
N GLY A 25 -10.90 1.17 7.59
CA GLY A 25 -12.04 1.10 6.70
C GLY A 25 -11.96 2.08 5.54
N ARG A 26 -10.87 2.82 5.49
CA ARG A 26 -10.68 3.80 4.43
C ARG A 26 -9.56 3.35 3.49
N PRO A 27 -9.66 3.66 2.20
CA PRO A 27 -8.66 3.26 1.22
C PRO A 27 -7.54 4.29 1.01
N PHE A 28 -6.32 3.88 1.32
CA PHE A 28 -5.16 4.75 1.13
C PHE A 28 -4.10 3.98 0.36
N SER A 29 -3.00 4.66 0.03
CA SER A 29 -1.92 4.02 -0.69
C SER A 29 -1.07 3.18 0.25
N TYR A 30 -0.64 2.01 -0.22
CA TYR A 30 0.16 1.10 0.58
C TYR A 30 1.49 1.74 0.96
N SER A 31 2.10 2.43 0.00
CA SER A 31 3.38 3.09 0.24
C SER A 31 3.24 4.08 1.40
N GLU A 32 2.10 4.77 1.42
CA GLU A 32 1.80 5.74 2.45
C GLU A 32 1.69 5.05 3.82
N VAL A 33 0.87 4.01 3.88
CA VAL A 33 0.65 3.27 5.13
C VAL A 33 1.95 2.66 5.67
N SER A 34 2.84 2.25 4.76
CA SER A 34 4.10 1.62 5.18
C SER A 34 5.01 2.65 5.83
N GLN A 35 4.74 3.92 5.61
CA GLN A 35 5.53 4.99 6.18
C GLN A 35 4.68 5.81 7.16
N ARG A 36 3.43 5.42 7.31
CA ARG A 36 2.52 6.12 8.20
C ARG A 36 2.06 5.25 9.35
N PRO A 37 2.69 5.41 10.52
CA PRO A 37 2.31 4.66 11.71
C PRO A 37 0.89 4.98 12.14
N GLU A 38 0.47 6.25 11.96
CA GLU A 38 -0.86 6.70 12.36
C GLU A 38 -1.93 5.85 11.68
N LEU A 39 -1.53 5.23 10.60
CA LEU A 39 -2.42 4.40 9.81
C LEU A 39 -2.38 2.95 10.23
N VAL A 40 -1.20 2.35 10.25
CA VAL A 40 -1.09 0.95 10.63
C VAL A 40 -1.61 0.75 12.06
N ALA A 41 -1.41 1.75 12.91
CA ALA A 41 -1.87 1.67 14.28
C ALA A 41 -3.39 1.82 14.35
N GLN A 42 -3.96 2.28 13.26
CA GLN A 42 -5.41 2.46 13.14
C GLN A 42 -6.01 1.22 12.49
N MET A 43 -5.16 0.51 11.74
CA MET A 43 -5.55 -0.70 11.05
C MET A 43 -6.13 -1.74 12.00
N THR A 44 -7.21 -2.37 11.59
CA THR A 44 -7.82 -3.41 12.37
C THR A 44 -6.97 -4.68 12.23
N PRO A 45 -7.21 -5.71 13.06
CA PRO A 45 -6.45 -6.96 12.96
C PRO A 45 -6.41 -7.50 11.53
N GLU A 46 -7.54 -7.39 10.82
CA GLU A 46 -7.65 -7.85 9.45
C GLU A 46 -6.83 -6.96 8.52
N GLU A 47 -6.98 -5.65 8.67
CA GLU A 47 -6.28 -4.67 7.84
C GLU A 47 -4.77 -4.76 8.02
N LYS A 48 -4.33 -4.72 9.27
CA LYS A 48 -2.91 -4.77 9.57
C LYS A 48 -2.28 -6.03 8.99
N GLU A 49 -2.87 -7.17 9.31
CA GLU A 49 -2.35 -8.44 8.81
C GLU A 49 -2.36 -8.48 7.29
N ALA A 50 -3.30 -7.80 6.67
CA ALA A 50 -3.37 -7.76 5.21
C ALA A 50 -2.21 -6.96 4.64
N TYR A 51 -1.96 -5.80 5.23
CA TYR A 51 -0.89 -4.92 4.80
C TYR A 51 0.47 -5.51 5.15
N ILE A 52 0.56 -6.05 6.36
CA ILE A 52 1.78 -6.65 6.87
C ILE A 52 2.12 -7.91 6.06
N ALA A 53 1.10 -8.64 5.63
CA ALA A 53 1.33 -9.85 4.84
C ALA A 53 1.72 -9.46 3.42
N MET A 54 1.15 -8.35 2.93
CA MET A 54 1.45 -7.86 1.60
C MET A 54 2.93 -7.52 1.49
N GLY A 55 3.43 -6.75 2.46
CA GLY A 55 4.83 -6.38 2.48
C GLY A 55 5.75 -7.57 2.36
N GLN A 56 5.42 -8.64 3.07
CA GLN A 56 6.23 -9.86 3.05
C GLN A 56 6.04 -10.59 1.72
N ARG A 57 4.82 -10.53 1.17
CA ARG A 57 4.54 -11.17 -0.11
C ARG A 57 5.32 -10.50 -1.22
N MET A 58 5.32 -9.18 -1.22
CA MET A 58 6.01 -8.42 -2.24
C MET A 58 7.51 -8.68 -2.20
N PHE A 59 8.13 -8.41 -1.05
CA PHE A 59 9.58 -8.58 -0.89
C PHE A 59 10.28 -8.02 -2.13
N GLU A 60 10.17 -6.70 -2.32
CA GLU A 60 10.74 -6.00 -3.48
C GLU A 60 9.96 -6.40 -4.74
N ASP A 61 8.75 -6.87 -4.48
CA ASP A 61 7.79 -7.35 -5.50
C ASP A 61 8.41 -8.33 -6.47
N LEU A 62 8.67 -9.52 -5.94
CA LEU A 62 9.21 -10.61 -6.74
C LEU A 62 8.13 -11.63 -7.02
N PHE A 63 8.25 -12.33 -8.13
CA PHE A 63 7.27 -13.33 -8.52
C PHE A 63 7.96 -14.64 -8.87
N GLU A 64 9.23 -14.74 -8.48
CA GLU A 64 10.02 -15.92 -8.75
C GLU A 64 10.26 -16.71 -7.47
N GLU A 3 5.63 15.15 -15.67
CA GLU A 3 5.39 15.08 -14.20
C GLU A 3 6.69 14.78 -13.47
N GLU A 4 7.27 13.61 -13.74
CA GLU A 4 8.52 13.23 -13.10
C GLU A 4 9.66 13.79 -13.94
N ASP A 5 9.51 13.64 -15.26
CA ASP A 5 10.47 14.15 -16.24
C ASP A 5 11.89 13.69 -15.92
N GLU A 6 12.05 12.38 -15.76
CA GLU A 6 13.34 11.78 -15.44
C GLU A 6 14.40 12.17 -16.47
N GLU A 7 14.24 11.71 -17.70
CA GLU A 7 15.19 12.03 -18.76
C GLU A 7 14.48 12.09 -20.10
N GLU A 8 14.12 13.32 -20.50
CA GLU A 8 13.43 13.58 -21.77
C GLU A 8 12.00 13.05 -21.76
N ASP A 9 11.86 11.74 -21.64
CA ASP A 9 10.55 11.10 -21.60
C ASP A 9 10.02 11.09 -20.16
N ASP A 10 8.72 10.92 -20.02
CA ASP A 10 8.09 10.92 -18.71
C ASP A 10 7.20 9.70 -18.53
N GLU A 11 7.76 8.62 -18.01
CA GLU A 11 7.02 7.39 -17.80
C GLU A 11 6.49 7.38 -16.36
N PHE A 12 5.35 6.72 -16.17
CA PHE A 12 4.70 6.63 -14.87
C PHE A 12 4.44 8.02 -14.27
N GLU A 13 3.45 8.70 -14.81
CA GLU A 13 3.10 10.04 -14.35
C GLU A 13 2.33 9.97 -13.04
N GLU A 14 1.35 9.08 -12.99
CA GLU A 14 0.52 8.91 -11.81
C GLU A 14 0.93 7.62 -11.09
N VAL A 15 0.74 7.59 -9.78
CA VAL A 15 1.09 6.42 -8.98
C VAL A 15 -0.08 5.43 -8.94
N ALA A 16 -0.57 5.06 -10.12
CA ALA A 16 -1.69 4.13 -10.22
C ALA A 16 -1.22 2.69 -10.14
N ASP A 17 -0.02 2.51 -9.63
CA ASP A 17 0.57 1.18 -9.46
C ASP A 17 0.54 0.78 -7.99
N ASP A 18 0.30 1.77 -7.14
CA ASP A 18 0.24 1.55 -5.70
C ASP A 18 -1.03 0.80 -5.33
N PRO A 19 -0.90 -0.26 -4.50
CA PRO A 19 -2.02 -1.05 -4.06
C PRO A 19 -2.80 -0.33 -2.97
N ILE A 20 -4.03 0.04 -3.26
CA ILE A 20 -4.85 0.75 -2.31
C ILE A 20 -5.16 -0.15 -1.12
N VAL A 21 -4.70 0.27 0.05
CA VAL A 21 -4.87 -0.48 1.27
C VAL A 21 -5.82 0.26 2.20
N MET A 22 -6.71 -0.47 2.84
CA MET A 22 -7.69 0.14 3.72
C MET A 22 -7.14 0.26 5.13
N VAL A 23 -7.27 1.45 5.67
CA VAL A 23 -6.85 1.73 7.03
C VAL A 23 -8.02 2.30 7.82
N ALA A 24 -8.53 1.48 8.73
CA ALA A 24 -9.65 1.83 9.58
C ALA A 24 -10.92 2.02 8.75
N GLY A 25 -10.99 1.32 7.62
CA GLY A 25 -12.17 1.39 6.77
C GLY A 25 -12.01 2.41 5.66
N ARG A 26 -10.91 3.12 5.66
CA ARG A 26 -10.65 4.13 4.64
C ARG A 26 -9.47 3.70 3.78
N PRO A 27 -9.69 3.58 2.47
CA PRO A 27 -8.66 3.14 1.54
C PRO A 27 -7.69 4.24 1.10
N PHE A 28 -6.41 4.06 1.42
CA PHE A 28 -5.38 5.01 1.03
C PHE A 28 -4.31 4.25 0.26
N SER A 29 -3.23 4.94 -0.10
CA SER A 29 -2.14 4.31 -0.82
C SER A 29 -1.32 3.43 0.13
N TYR A 30 -0.87 2.28 -0.36
CA TYR A 30 -0.08 1.36 0.43
C TYR A 30 1.23 2.01 0.87
N SER A 31 1.89 2.69 -0.06
CA SER A 31 3.15 3.36 0.23
C SER A 31 2.96 4.32 1.40
N GLU A 32 1.83 5.01 1.40
CA GLU A 32 1.49 5.96 2.45
C GLU A 32 1.41 5.26 3.80
N VAL A 33 0.63 4.19 3.85
CA VAL A 33 0.45 3.44 5.10
C VAL A 33 1.75 2.81 5.58
N SER A 34 2.59 2.39 4.64
CA SER A 34 3.86 1.78 5.00
C SER A 34 4.79 2.79 5.66
N GLN A 35 4.59 4.07 5.34
CA GLN A 35 5.40 5.14 5.90
C GLN A 35 4.66 5.84 7.03
N ARG A 36 3.40 5.44 7.26
CA ARG A 36 2.59 6.02 8.30
C ARG A 36 2.19 5.01 9.35
N PRO A 37 2.99 4.90 10.42
CA PRO A 37 2.69 3.99 11.51
C PRO A 37 1.35 4.31 12.16
N GLU A 38 1.03 5.59 12.28
CA GLU A 38 -0.22 6.03 12.90
C GLU A 38 -1.41 5.39 12.22
N LEU A 39 -1.19 5.00 10.97
CA LEU A 39 -2.23 4.39 10.16
C LEU A 39 -2.29 2.90 10.39
N VAL A 40 -1.16 2.23 10.35
CA VAL A 40 -1.13 0.79 10.56
C VAL A 40 -1.61 0.48 11.97
N ALA A 41 -1.34 1.41 12.89
CA ALA A 41 -1.79 1.26 14.27
C ALA A 41 -3.29 1.49 14.37
N GLN A 42 -3.83 2.11 13.31
CA GLN A 42 -5.25 2.38 13.21
C GLN A 42 -5.93 1.23 12.48
N MET A 43 -5.12 0.50 11.73
CA MET A 43 -5.58 -0.66 10.96
C MET A 43 -6.19 -1.72 11.86
N THR A 44 -7.23 -2.36 11.37
CA THR A 44 -7.87 -3.43 12.10
C THR A 44 -7.02 -4.69 11.93
N PRO A 45 -7.28 -5.76 12.70
CA PRO A 45 -6.50 -7.00 12.56
C PRO A 45 -6.54 -7.51 11.12
N GLU A 46 -7.69 -7.33 10.49
CA GLU A 46 -7.89 -7.74 9.12
C GLU A 46 -7.10 -6.86 8.15
N GLU A 47 -7.18 -5.55 8.34
CA GLU A 47 -6.47 -4.61 7.48
C GLU A 47 -4.96 -4.72 7.65
N LYS A 48 -4.50 -4.76 8.89
CA LYS A 48 -3.07 -4.85 9.16
C LYS A 48 -2.49 -6.11 8.54
N GLU A 49 -3.10 -7.25 8.82
CA GLU A 49 -2.62 -8.51 8.28
C GLU A 49 -2.61 -8.51 6.75
N ALA A 50 -3.55 -7.77 6.15
CA ALA A 50 -3.61 -7.69 4.70
C ALA A 50 -2.45 -6.85 4.17
N TYR A 51 -2.21 -5.73 4.82
CA TYR A 51 -1.12 -4.82 4.44
C TYR A 51 0.23 -5.46 4.72
N ILE A 52 0.34 -6.05 5.90
CA ILE A 52 1.56 -6.71 6.34
C ILE A 52 1.87 -7.92 5.48
N ALA A 53 0.83 -8.62 5.03
CA ALA A 53 1.01 -9.78 4.18
C ALA A 53 1.52 -9.35 2.81
N MET A 54 1.01 -8.21 2.33
CA MET A 54 1.41 -7.68 1.05
C MET A 54 2.86 -7.21 1.09
N GLY A 55 3.20 -6.45 2.13
CA GLY A 55 4.55 -5.95 2.29
C GLY A 55 5.58 -7.05 2.39
N GLN A 56 5.19 -8.16 3.01
CA GLN A 56 6.09 -9.29 3.16
C GLN A 56 6.28 -10.03 1.85
N ARG A 57 5.45 -9.72 0.87
CA ARG A 57 5.54 -10.34 -0.45
C ARG A 57 6.20 -9.38 -1.43
N MET A 58 6.46 -8.17 -0.97
CA MET A 58 7.06 -7.13 -1.81
C MET A 58 8.55 -6.97 -1.52
N PHE A 59 9.09 -7.83 -0.66
CA PHE A 59 10.51 -7.76 -0.34
C PHE A 59 11.20 -9.06 -0.65
N GLU A 60 10.52 -9.91 -1.39
CA GLU A 60 11.04 -11.23 -1.74
C GLU A 60 11.62 -11.22 -3.14
N ASP A 61 11.67 -10.05 -3.72
CA ASP A 61 12.20 -9.86 -5.07
C ASP A 61 13.34 -8.86 -5.02
N LEU A 62 13.75 -8.54 -3.81
CA LEU A 62 14.82 -7.59 -3.58
C LEU A 62 16.00 -8.28 -2.91
N PHE A 63 16.04 -9.59 -3.05
CA PHE A 63 17.10 -10.41 -2.47
C PHE A 63 17.09 -11.80 -3.10
N GLU A 64 18.24 -12.44 -3.14
CA GLU A 64 18.39 -13.76 -3.72
C GLU A 64 19.36 -14.58 -2.87
N GLU A 3 -0.89 12.80 -21.97
CA GLU A 3 -1.78 13.37 -20.92
C GLU A 3 -1.28 12.99 -19.54
N GLU A 4 0.02 13.13 -19.35
CA GLU A 4 0.67 12.80 -18.10
C GLU A 4 1.35 14.05 -17.53
N ASP A 5 1.83 14.90 -18.43
CA ASP A 5 2.49 16.13 -18.04
C ASP A 5 1.46 17.21 -17.75
N GLU A 6 1.92 18.37 -17.25
CA GLU A 6 1.06 19.50 -16.91
C GLU A 6 0.17 19.18 -15.71
N GLU A 7 0.65 18.29 -14.86
CA GLU A 7 -0.10 17.90 -13.66
C GLU A 7 0.20 18.87 -12.51
N GLU A 8 -0.57 18.76 -11.45
CA GLU A 8 -0.40 19.63 -10.28
C GLU A 8 0.01 18.81 -9.06
N ASP A 9 -0.44 17.56 -9.00
CA ASP A 9 -0.13 16.70 -7.87
C ASP A 9 1.00 15.74 -8.21
N ASP A 10 1.73 16.08 -9.26
CA ASP A 10 2.86 15.28 -9.71
C ASP A 10 3.93 16.20 -10.27
N GLU A 11 5.18 15.75 -10.21
CA GLU A 11 6.30 16.53 -10.71
C GLU A 11 7.10 15.71 -11.71
N PHE A 12 6.54 14.58 -12.08
CA PHE A 12 7.16 13.67 -13.02
C PHE A 12 6.09 12.87 -13.76
N GLU A 13 6.50 11.78 -14.39
CA GLU A 13 5.57 10.92 -15.11
C GLU A 13 5.31 9.62 -14.35
N GLU A 14 4.38 9.66 -13.41
CA GLU A 14 4.04 8.47 -12.63
C GLU A 14 3.51 7.37 -13.54
N VAL A 15 3.90 6.13 -13.23
CA VAL A 15 3.48 4.98 -14.02
C VAL A 15 3.66 3.69 -13.20
N ALA A 16 3.61 3.83 -11.89
CA ALA A 16 3.77 2.69 -11.00
C ALA A 16 2.40 2.05 -10.70
N ASP A 17 2.34 1.30 -9.61
CA ASP A 17 1.13 0.62 -9.20
C ASP A 17 1.10 0.47 -7.69
N ASP A 18 0.40 1.37 -7.04
CA ASP A 18 0.28 1.34 -5.59
C ASP A 18 -0.98 0.59 -5.20
N PRO A 19 -0.83 -0.45 -4.38
CA PRO A 19 -1.95 -1.26 -3.91
C PRO A 19 -2.73 -0.51 -2.84
N ILE A 20 -3.96 -0.16 -3.14
CA ILE A 20 -4.78 0.57 -2.19
C ILE A 20 -5.08 -0.33 -1.00
N VAL A 21 -4.60 0.10 0.16
CA VAL A 21 -4.75 -0.65 1.38
C VAL A 21 -5.71 0.08 2.30
N MET A 22 -6.58 -0.67 2.97
CA MET A 22 -7.57 -0.09 3.84
C MET A 22 -7.04 0.10 5.24
N VAL A 23 -7.21 1.30 5.75
CA VAL A 23 -6.81 1.64 7.10
C VAL A 23 -8.01 2.23 7.83
N ALA A 24 -8.51 1.49 8.80
CA ALA A 24 -9.65 1.88 9.60
C ALA A 24 -10.91 1.97 8.73
N GLY A 25 -10.93 1.20 7.66
CA GLY A 25 -12.07 1.17 6.77
C GLY A 25 -11.99 2.16 5.64
N ARG A 26 -10.92 2.94 5.61
CA ARG A 26 -10.74 3.93 4.56
C ARG A 26 -9.64 3.48 3.61
N PRO A 27 -9.76 3.79 2.31
CA PRO A 27 -8.78 3.39 1.31
C PRO A 27 -7.67 4.43 1.10
N PHE A 28 -6.43 4.03 1.38
CA PHE A 28 -5.28 4.90 1.18
C PHE A 28 -4.24 4.15 0.37
N SER A 29 -3.17 4.84 0.01
CA SER A 29 -2.10 4.22 -0.76
C SER A 29 -1.23 3.36 0.16
N TYR A 30 -0.79 2.22 -0.33
CA TYR A 30 0.05 1.32 0.45
C TYR A 30 1.38 1.99 0.80
N SER A 31 1.96 2.70 -0.16
CA SER A 31 3.22 3.39 0.05
C SER A 31 3.08 4.35 1.24
N GLU A 32 1.93 4.99 1.31
CA GLU A 32 1.63 5.93 2.39
C GLU A 32 1.57 5.20 3.73
N VAL A 33 0.75 4.15 3.79
CA VAL A 33 0.58 3.38 5.02
C VAL A 33 1.88 2.75 5.50
N SER A 34 2.74 2.35 4.58
CA SER A 34 4.01 1.73 4.94
C SER A 34 4.95 2.75 5.60
N GLN A 35 4.65 4.03 5.42
CA GLN A 35 5.45 5.07 6.00
C GLN A 35 4.64 5.86 7.02
N ARG A 36 3.39 5.44 7.20
CA ARG A 36 2.50 6.11 8.13
C ARG A 36 2.09 5.19 9.28
N PRO A 37 2.78 5.28 10.41
CA PRO A 37 2.45 4.48 11.58
C PRO A 37 1.06 4.81 12.09
N GLU A 38 0.66 6.07 11.97
CA GLU A 38 -0.66 6.53 12.45
C GLU A 38 -1.77 5.71 11.80
N LEU A 39 -1.44 5.13 10.67
CA LEU A 39 -2.39 4.34 9.91
C LEU A 39 -2.33 2.86 10.25
N VAL A 40 -1.14 2.29 10.23
CA VAL A 40 -1.01 0.87 10.54
C VAL A 40 -1.48 0.60 11.96
N ALA A 41 -1.27 1.56 12.84
CA ALA A 41 -1.69 1.43 14.23
C ALA A 41 -3.21 1.59 14.34
N GLN A 42 -3.80 2.07 13.25
CA GLN A 42 -5.24 2.26 13.15
C GLN A 42 -5.86 1.04 12.48
N MET A 43 -5.03 0.36 11.71
CA MET A 43 -5.44 -0.85 10.99
C MET A 43 -6.00 -1.91 11.93
N THR A 44 -7.09 -2.52 11.52
CA THR A 44 -7.68 -3.59 12.29
C THR A 44 -6.84 -4.85 12.08
N PRO A 45 -7.05 -5.92 12.87
CA PRO A 45 -6.30 -7.17 12.70
C PRO A 45 -6.31 -7.64 11.25
N GLU A 46 -7.46 -7.52 10.60
CA GLU A 46 -7.62 -7.92 9.21
C GLU A 46 -6.83 -6.99 8.28
N GLU A 47 -6.97 -5.68 8.49
CA GLU A 47 -6.29 -4.69 7.66
C GLU A 47 -4.78 -4.78 7.79
N LYS A 48 -4.29 -4.78 9.04
CA LYS A 48 -2.87 -4.85 9.29
C LYS A 48 -2.26 -6.08 8.64
N GLU A 49 -2.83 -7.24 8.92
CA GLU A 49 -2.32 -8.49 8.38
C GLU A 49 -2.35 -8.46 6.85
N ALA A 50 -3.33 -7.77 6.27
CA ALA A 50 -3.42 -7.68 4.82
C ALA A 50 -2.27 -6.87 4.26
N TYR A 51 -1.99 -5.75 4.91
CA TYR A 51 -0.91 -4.85 4.51
C TYR A 51 0.45 -5.48 4.81
N ILE A 52 0.56 -6.04 6.00
CA ILE A 52 1.79 -6.67 6.45
C ILE A 52 2.12 -7.90 5.60
N ALA A 53 1.08 -8.63 5.18
CA ALA A 53 1.29 -9.80 4.34
C ALA A 53 1.70 -9.39 2.93
N MET A 54 1.34 -8.16 2.57
CA MET A 54 1.68 -7.63 1.25
C MET A 54 3.13 -7.20 1.25
N GLY A 55 3.51 -6.42 2.27
CA GLY A 55 4.87 -5.93 2.40
C GLY A 55 5.89 -7.04 2.43
N GLN A 56 5.60 -8.09 3.18
CA GLN A 56 6.50 -9.23 3.30
C GLN A 56 6.82 -9.82 1.94
N ARG A 57 5.78 -10.14 1.17
CA ARG A 57 5.95 -10.75 -0.15
C ARG A 57 6.65 -9.80 -1.13
N MET A 58 6.70 -8.52 -0.78
CA MET A 58 7.36 -7.54 -1.64
C MET A 58 8.86 -7.52 -1.36
N PHE A 59 9.26 -8.12 -0.25
CA PHE A 59 10.66 -8.17 0.14
C PHE A 59 11.09 -9.61 0.38
N GLU A 60 10.34 -10.54 -0.19
CA GLU A 60 10.63 -11.95 -0.04
C GLU A 60 11.44 -12.46 -1.23
N ASP A 61 12.04 -11.52 -1.93
CA ASP A 61 12.87 -11.81 -3.10
C ASP A 61 13.89 -10.71 -3.27
N LEU A 62 15.09 -10.96 -2.80
CA LEU A 62 16.17 -9.99 -2.90
C LEU A 62 16.94 -10.20 -4.19
N PHE A 63 16.29 -9.92 -5.30
CA PHE A 63 16.89 -10.06 -6.61
C PHE A 63 17.68 -8.81 -6.98
N GLU A 64 18.87 -9.01 -7.53
CA GLU A 64 19.73 -7.92 -7.94
C GLU A 64 20.34 -8.26 -9.30
N GLU A 3 -1.06 -0.19 -23.41
CA GLU A 3 -1.19 1.28 -23.22
C GLU A 3 -0.87 1.64 -21.78
N GLU A 4 0.40 1.55 -21.46
CA GLU A 4 0.88 1.82 -20.11
C GLU A 4 1.63 3.14 -20.07
N ASP A 5 1.43 3.94 -21.11
CA ASP A 5 2.07 5.24 -21.23
C ASP A 5 1.08 6.27 -21.75
N GLU A 6 1.50 7.53 -21.73
CA GLU A 6 0.67 8.62 -22.20
C GLU A 6 1.53 9.60 -22.99
N GLU A 7 2.18 9.09 -24.04
CA GLU A 7 3.06 9.89 -24.90
C GLU A 7 4.34 10.28 -24.16
N GLU A 8 5.06 11.26 -24.71
CA GLU A 8 6.31 11.72 -24.11
C GLU A 8 6.08 12.48 -22.82
N ASP A 9 6.11 11.76 -21.70
CA ASP A 9 5.94 12.35 -20.38
C ASP A 9 7.05 11.86 -19.45
N ASP A 10 6.77 11.80 -18.15
CA ASP A 10 7.75 11.35 -17.17
C ASP A 10 7.95 9.85 -17.25
N GLU A 11 9.12 9.40 -16.78
CA GLU A 11 9.49 7.99 -16.78
C GLU A 11 9.39 7.39 -18.18
N PHE A 12 9.31 6.07 -18.25
CA PHE A 12 9.20 5.39 -19.53
C PHE A 12 8.02 4.44 -19.55
N GLU A 13 7.21 4.50 -18.51
CA GLU A 13 6.03 3.63 -18.38
C GLU A 13 5.22 4.00 -17.15
N GLU A 14 4.41 3.06 -16.68
CA GLU A 14 3.55 3.26 -15.52
C GLU A 14 4.33 3.04 -14.23
N VAL A 15 3.81 3.56 -13.12
CA VAL A 15 4.46 3.42 -11.83
C VAL A 15 3.46 3.57 -10.67
N ALA A 16 2.21 3.26 -10.95
CA ALA A 16 1.16 3.34 -9.93
C ALA A 16 0.57 1.96 -9.64
N ASP A 17 1.45 0.99 -9.40
CA ASP A 17 1.04 -0.38 -9.10
C ASP A 17 0.79 -0.55 -7.60
N ASP A 18 0.74 0.57 -6.90
CA ASP A 18 0.52 0.58 -5.45
C ASP A 18 -0.79 -0.10 -5.09
N PRO A 19 -0.73 -1.09 -4.19
CA PRO A 19 -1.90 -1.82 -3.74
C PRO A 19 -2.68 -0.99 -2.72
N ILE A 20 -3.89 -0.63 -3.08
CA ILE A 20 -4.72 0.17 -2.19
C ILE A 20 -5.09 -0.65 -0.96
N VAL A 21 -4.63 -0.17 0.18
CA VAL A 21 -4.83 -0.84 1.44
C VAL A 21 -5.74 0.00 2.33
N MET A 22 -6.69 -0.64 2.98
CA MET A 22 -7.64 0.06 3.82
C MET A 22 -7.11 0.22 5.22
N VAL A 23 -7.18 1.44 5.71
CA VAL A 23 -6.77 1.76 7.06
C VAL A 23 -7.92 2.40 7.80
N ALA A 24 -8.44 1.69 8.79
CA ALA A 24 -9.55 2.14 9.60
C ALA A 24 -10.81 2.28 8.76
N GLY A 25 -10.90 1.48 7.70
CA GLY A 25 -12.06 1.49 6.83
C GLY A 25 -11.91 2.42 5.65
N ARG A 26 -10.80 3.15 5.61
CA ARG A 26 -10.55 4.09 4.53
C ARG A 26 -9.38 3.59 3.69
N PRO A 27 -9.60 3.40 2.38
CA PRO A 27 -8.56 2.90 1.48
C PRO A 27 -7.55 3.96 1.05
N PHE A 28 -6.28 3.72 1.37
CA PHE A 28 -5.20 4.61 0.99
C PHE A 28 -4.16 3.81 0.23
N SER A 29 -3.05 4.43 -0.11
CA SER A 29 -1.99 3.74 -0.82
C SER A 29 -1.14 2.94 0.16
N TYR A 30 -0.65 1.78 -0.28
CA TYR A 30 0.17 0.92 0.57
C TYR A 30 1.49 1.61 0.91
N SER A 31 2.06 2.30 -0.07
CA SER A 31 3.32 3.02 0.13
C SER A 31 3.15 4.10 1.19
N GLU A 32 1.91 4.53 1.38
CA GLU A 32 1.59 5.56 2.36
C GLU A 32 1.47 4.94 3.76
N VAL A 33 0.78 3.81 3.84
CA VAL A 33 0.58 3.13 5.12
C VAL A 33 1.89 2.63 5.71
N SER A 34 2.78 2.12 4.86
CA SER A 34 4.07 1.61 5.33
C SER A 34 4.93 2.75 5.90
N GLN A 35 4.67 3.97 5.41
CA GLN A 35 5.39 5.14 5.86
C GLN A 35 4.66 5.84 6.99
N ARG A 36 3.41 5.42 7.24
CA ARG A 36 2.60 6.01 8.29
C ARG A 36 2.21 5.01 9.36
N PRO A 37 3.00 4.93 10.43
CA PRO A 37 2.70 4.04 11.54
C PRO A 37 1.35 4.38 12.15
N GLU A 38 1.01 5.67 12.21
CA GLU A 38 -0.26 6.13 12.79
C GLU A 38 -1.44 5.45 12.10
N LEU A 39 -1.17 4.99 10.89
CA LEU A 39 -2.18 4.33 10.08
C LEU A 39 -2.25 2.85 10.37
N VAL A 40 -1.11 2.19 10.38
CA VAL A 40 -1.10 0.76 10.67
C VAL A 40 -1.60 0.51 12.08
N ALA A 41 -1.32 1.46 12.97
CA ALA A 41 -1.78 1.35 14.35
C ALA A 41 -3.28 1.62 14.42
N GLN A 42 -3.80 2.22 13.36
CA GLN A 42 -5.22 2.51 13.24
C GLN A 42 -5.92 1.34 12.59
N MET A 43 -5.13 0.56 11.86
CA MET A 43 -5.61 -0.62 11.16
C MET A 43 -6.23 -1.63 12.10
N THR A 44 -7.29 -2.26 11.65
CA THR A 44 -7.94 -3.29 12.42
C THR A 44 -7.13 -4.57 12.28
N PRO A 45 -7.40 -5.61 13.10
CA PRO A 45 -6.67 -6.87 12.99
C PRO A 45 -6.73 -7.41 11.56
N GLU A 46 -7.87 -7.21 10.93
CA GLU A 46 -8.11 -7.66 9.57
C GLU A 46 -7.30 -6.82 8.58
N GLU A 47 -7.34 -5.50 8.73
CA GLU A 47 -6.62 -4.61 7.83
C GLU A 47 -5.12 -4.76 7.96
N LYS A 48 -4.62 -4.76 9.20
CA LYS A 48 -3.18 -4.90 9.43
C LYS A 48 -2.65 -6.17 8.82
N GLU A 49 -3.27 -7.30 9.16
CA GLU A 49 -2.84 -8.58 8.65
C GLU A 49 -2.89 -8.62 7.12
N ALA A 50 -3.84 -7.89 6.54
CA ALA A 50 -3.96 -7.84 5.08
C ALA A 50 -2.80 -7.03 4.50
N TYR A 51 -2.53 -5.89 5.12
CA TYR A 51 -1.44 -5.01 4.70
C TYR A 51 -0.09 -5.69 4.93
N ILE A 52 0.07 -6.24 6.12
CA ILE A 52 1.30 -6.91 6.52
C ILE A 52 1.56 -8.13 5.65
N ALA A 53 0.51 -8.82 5.24
CA ALA A 53 0.66 -9.99 4.38
C ALA A 53 1.19 -9.57 3.01
N MET A 54 0.65 -8.46 2.51
CA MET A 54 1.07 -7.92 1.22
C MET A 54 2.45 -7.28 1.34
N GLY A 55 2.68 -6.65 2.47
CA GLY A 55 3.93 -5.99 2.74
C GLY A 55 5.09 -6.97 2.82
N GLN A 56 4.87 -8.09 3.49
CA GLN A 56 5.90 -9.10 3.64
C GLN A 56 6.28 -9.70 2.29
N ARG A 57 5.37 -9.57 1.31
CA ARG A 57 5.63 -10.06 -0.03
C ARG A 57 6.69 -9.16 -0.65
N MET A 58 6.76 -7.93 -0.15
CA MET A 58 7.73 -6.95 -0.59
C MET A 58 8.85 -6.87 0.44
N PHE A 59 8.69 -7.65 1.51
CA PHE A 59 9.63 -7.68 2.63
C PHE A 59 9.69 -6.32 3.31
N GLU A 60 8.58 -5.57 3.18
CA GLU A 60 8.45 -4.23 3.75
C GLU A 60 9.60 -3.32 3.31
N ASP A 61 10.18 -3.67 2.15
CA ASP A 61 11.29 -2.92 1.57
C ASP A 61 12.47 -2.81 2.54
N LEU A 62 12.58 -3.79 3.43
CA LEU A 62 13.64 -3.81 4.42
C LEU A 62 14.90 -4.43 3.83
N PHE A 63 15.58 -3.67 2.99
CA PHE A 63 16.79 -4.14 2.35
C PHE A 63 17.98 -3.30 2.80
N GLU A 64 18.60 -3.70 3.89
CA GLU A 64 19.75 -3.00 4.45
C GLU A 64 20.98 -3.89 4.39
N GLU A 3 -12.33 6.86 -11.41
CA GLU A 3 -12.61 7.65 -12.62
C GLU A 3 -13.28 6.80 -13.68
N GLU A 4 -12.96 5.51 -13.66
CA GLU A 4 -13.50 4.54 -14.59
C GLU A 4 -14.87 4.08 -14.13
N ASP A 5 -15.20 4.44 -12.91
CA ASP A 5 -16.47 4.08 -12.29
C ASP A 5 -17.56 5.07 -12.66
N GLU A 6 -18.79 4.56 -12.77
CA GLU A 6 -19.98 5.35 -13.11
C GLU A 6 -19.80 6.14 -14.41
N GLU A 7 -19.09 5.56 -15.37
CA GLU A 7 -18.86 6.21 -16.65
C GLU A 7 -19.39 5.33 -17.78
N GLU A 8 -19.36 5.85 -18.99
CA GLU A 8 -19.84 5.12 -20.17
C GLU A 8 -18.67 4.78 -21.08
N ASP A 9 -17.65 5.63 -21.07
CA ASP A 9 -16.45 5.43 -21.89
C ASP A 9 -15.26 5.11 -20.99
N ASP A 10 -14.62 3.98 -21.25
CA ASP A 10 -13.47 3.57 -20.45
C ASP A 10 -12.43 2.84 -21.28
N GLU A 11 -11.24 2.72 -20.71
CA GLU A 11 -10.14 2.03 -21.34
C GLU A 11 -9.42 1.21 -20.28
N PHE A 12 -10.22 0.46 -19.52
CA PHE A 12 -9.74 -0.39 -18.42
C PHE A 12 -9.46 0.44 -17.18
N GLU A 13 -9.05 -0.23 -16.11
CA GLU A 13 -8.75 0.44 -14.84
C GLU A 13 -7.56 1.38 -14.98
N GLU A 14 -7.53 2.39 -14.11
CA GLU A 14 -6.46 3.38 -14.10
C GLU A 14 -5.10 2.74 -13.83
N VAL A 15 -4.03 3.49 -14.09
CA VAL A 15 -2.67 2.99 -13.91
C VAL A 15 -2.24 3.07 -12.44
N ALA A 16 -3.02 2.43 -11.57
CA ALA A 16 -2.71 2.41 -10.15
C ALA A 16 -1.71 1.30 -9.83
N ASP A 17 -0.46 1.67 -9.64
CA ASP A 17 0.59 0.72 -9.33
C ASP A 17 0.61 0.41 -7.84
N ASP A 18 0.37 1.43 -7.02
CA ASP A 18 0.34 1.27 -5.58
C ASP A 18 -0.89 0.47 -5.16
N PRO A 19 -0.70 -0.52 -4.28
CA PRO A 19 -1.78 -1.36 -3.79
C PRO A 19 -2.63 -0.60 -2.78
N ILE A 20 -3.87 -0.30 -3.14
CA ILE A 20 -4.74 0.44 -2.24
C ILE A 20 -5.05 -0.41 -1.01
N VAL A 21 -4.64 0.09 0.13
CA VAL A 21 -4.80 -0.61 1.38
C VAL A 21 -5.75 0.17 2.29
N MET A 22 -6.63 -0.54 2.98
CA MET A 22 -7.60 0.10 3.83
C MET A 22 -7.08 0.26 5.24
N VAL A 23 -7.21 1.47 5.76
CA VAL A 23 -6.80 1.77 7.11
C VAL A 23 -7.99 2.35 7.87
N ALA A 24 -8.47 1.59 8.83
CA ALA A 24 -9.60 1.96 9.66
C ALA A 24 -10.86 2.09 8.82
N GLY A 25 -10.93 1.32 7.73
CA GLY A 25 -12.10 1.33 6.87
C GLY A 25 -11.98 2.30 5.72
N ARG A 26 -10.88 3.03 5.67
CA ARG A 26 -10.66 3.99 4.61
C ARG A 26 -9.49 3.55 3.74
N PRO A 27 -9.71 3.43 2.42
CA PRO A 27 -8.67 3.00 1.49
C PRO A 27 -7.70 4.10 1.07
N PHE A 28 -6.43 3.91 1.38
CA PHE A 28 -5.38 4.84 1.00
C PHE A 28 -4.32 4.07 0.24
N SER A 29 -3.22 4.73 -0.08
CA SER A 29 -2.12 4.10 -0.77
C SER A 29 -1.28 3.26 0.19
N TYR A 30 -0.81 2.12 -0.28
CA TYR A 30 -0.01 1.22 0.55
C TYR A 30 1.29 1.89 0.95
N SER A 31 1.93 2.57 0.00
CA SER A 31 3.18 3.27 0.26
C SER A 31 2.99 4.27 1.39
N GLU A 32 1.84 4.93 1.38
CA GLU A 32 1.49 5.91 2.39
C GLU A 32 1.41 5.27 3.77
N VAL A 33 0.69 4.16 3.86
CA VAL A 33 0.53 3.47 5.13
C VAL A 33 1.85 2.89 5.63
N SER A 34 2.69 2.46 4.70
CA SER A 34 3.99 1.89 5.06
C SER A 34 4.90 2.94 5.68
N GLN A 35 4.63 4.20 5.37
CA GLN A 35 5.42 5.31 5.91
C GLN A 35 4.66 6.01 7.03
N ARG A 36 3.42 5.61 7.25
CA ARG A 36 2.60 6.21 8.29
C ARG A 36 2.23 5.19 9.36
N PRO A 37 3.04 5.10 10.43
CA PRO A 37 2.77 4.19 11.52
C PRO A 37 1.40 4.46 12.17
N GLU A 38 1.03 5.72 12.28
CA GLU A 38 -0.24 6.10 12.91
C GLU A 38 -1.41 5.40 12.23
N LEU A 39 -1.17 5.03 10.98
CA LEU A 39 -2.17 4.38 10.17
C LEU A 39 -2.19 2.89 10.39
N VAL A 40 -1.02 2.27 10.37
CA VAL A 40 -0.95 0.83 10.58
C VAL A 40 -1.43 0.51 12.00
N ALA A 41 -1.21 1.45 12.91
CA ALA A 41 -1.66 1.28 14.29
C ALA A 41 -3.17 1.50 14.38
N GLN A 42 -3.71 2.08 13.32
CA GLN A 42 -5.14 2.33 13.20
C GLN A 42 -5.81 1.15 12.52
N MET A 43 -5.00 0.41 11.76
CA MET A 43 -5.46 -0.75 11.03
C MET A 43 -6.03 -1.82 11.94
N THR A 44 -7.14 -2.40 11.52
CA THR A 44 -7.77 -3.47 12.26
C THR A 44 -6.95 -4.74 12.03
N PRO A 45 -7.21 -5.83 12.78
CA PRO A 45 -6.50 -7.09 12.58
C PRO A 45 -6.49 -7.50 11.11
N GLU A 46 -7.66 -7.43 10.48
CA GLU A 46 -7.81 -7.78 9.08
C GLU A 46 -6.97 -6.86 8.19
N GLU A 47 -7.06 -5.56 8.44
CA GLU A 47 -6.33 -4.57 7.64
C GLU A 47 -4.82 -4.72 7.79
N LYS A 48 -4.35 -4.75 9.04
CA LYS A 48 -2.93 -4.88 9.30
C LYS A 48 -2.38 -6.15 8.68
N GLU A 49 -3.06 -7.26 8.92
CA GLU A 49 -2.63 -8.53 8.39
C GLU A 49 -2.63 -8.51 6.85
N ALA A 50 -3.50 -7.70 6.27
CA ALA A 50 -3.57 -7.59 4.82
C ALA A 50 -2.39 -6.77 4.29
N TYR A 51 -2.17 -5.62 4.93
CA TYR A 51 -1.08 -4.74 4.56
C TYR A 51 0.27 -5.40 4.83
N ILE A 52 0.36 -6.00 6.00
CA ILE A 52 1.57 -6.67 6.44
C ILE A 52 1.87 -7.88 5.54
N ALA A 53 0.81 -8.58 5.14
CA ALA A 53 0.98 -9.73 4.25
C ALA A 53 1.49 -9.27 2.90
N MET A 54 0.93 -8.17 2.40
CA MET A 54 1.34 -7.61 1.13
C MET A 54 2.77 -7.11 1.21
N GLY A 55 3.10 -6.50 2.35
CA GLY A 55 4.43 -5.98 2.56
C GLY A 55 5.49 -7.06 2.50
N GLN A 56 5.16 -8.23 3.05
CA GLN A 56 6.10 -9.35 3.06
C GLN A 56 6.33 -9.87 1.65
N ARG A 57 5.36 -9.64 0.76
CA ARG A 57 5.48 -10.09 -0.62
C ARG A 57 6.44 -9.18 -1.38
N MET A 58 6.66 -7.99 -0.83
CA MET A 58 7.56 -7.02 -1.43
C MET A 58 9.00 -7.36 -1.09
N PHE A 59 9.18 -8.41 -0.29
CA PHE A 59 10.50 -8.85 0.12
C PHE A 59 10.83 -10.22 -0.45
N GLU A 60 10.16 -10.56 -1.55
CA GLU A 60 10.39 -11.84 -2.21
C GLU A 60 11.43 -11.73 -3.30
N ASP A 61 12.21 -10.67 -3.21
CA ASP A 61 13.27 -10.40 -4.17
C ASP A 61 14.39 -9.63 -3.49
N LEU A 62 15.38 -10.36 -2.99
CA LEU A 62 16.51 -9.77 -2.31
C LEU A 62 17.80 -10.46 -2.76
N PHE A 63 18.79 -9.67 -3.13
CA PHE A 63 20.07 -10.20 -3.58
C PHE A 63 21.22 -9.32 -3.12
N GLU A 64 20.98 -8.58 -2.05
CA GLU A 64 21.97 -7.68 -1.49
C GLU A 64 22.77 -8.40 -0.39
N GLU A 3 -9.17 8.21 -3.79
CA GLU A 3 -8.55 7.16 -4.62
C GLU A 3 -9.28 7.02 -5.95
N GLU A 4 -10.61 6.99 -5.90
CA GLU A 4 -11.41 6.86 -7.12
C GLU A 4 -12.88 7.19 -6.84
N ASP A 5 -13.59 6.26 -6.23
CA ASP A 5 -15.01 6.44 -5.92
C ASP A 5 -15.16 7.15 -4.58
N GLU A 6 -14.71 8.39 -4.54
CA GLU A 6 -14.78 9.21 -3.33
C GLU A 6 -15.12 10.64 -3.71
N GLU A 7 -16.41 10.94 -3.76
CA GLU A 7 -16.91 12.27 -4.10
C GLU A 7 -16.51 12.66 -5.54
N GLU A 8 -16.48 13.94 -5.83
CA GLU A 8 -16.12 14.41 -7.16
C GLU A 8 -14.71 15.00 -7.18
N ASP A 9 -14.21 15.41 -6.02
CA ASP A 9 -12.87 15.99 -5.93
C ASP A 9 -11.84 14.90 -5.64
N ASP A 10 -11.29 14.35 -6.72
CA ASP A 10 -10.27 13.30 -6.61
C ASP A 10 -9.47 13.24 -7.90
N GLU A 11 -8.16 13.04 -7.78
CA GLU A 11 -7.30 12.96 -8.95
C GLU A 11 -6.38 11.73 -8.86
N PHE A 12 -6.85 10.71 -8.16
CA PHE A 12 -6.06 9.49 -7.99
C PHE A 12 -6.60 8.39 -8.90
N GLU A 13 -7.38 8.81 -9.90
CA GLU A 13 -7.98 7.89 -10.86
C GLU A 13 -6.91 7.16 -11.67
N GLU A 14 -7.13 5.87 -11.91
CA GLU A 14 -6.21 5.04 -12.67
C GLU A 14 -4.88 4.88 -11.93
N VAL A 15 -3.80 4.66 -12.68
CA VAL A 15 -2.47 4.48 -12.12
C VAL A 15 -2.43 3.22 -11.26
N ALA A 16 -2.68 2.08 -11.89
CA ALA A 16 -2.68 0.80 -11.21
C ALA A 16 -1.26 0.37 -10.86
N ASP A 17 -0.71 0.99 -9.83
CA ASP A 17 0.64 0.69 -9.36
C ASP A 17 0.62 0.38 -7.87
N ASP A 18 0.39 1.43 -7.07
CA ASP A 18 0.33 1.29 -5.62
C ASP A 18 -0.92 0.51 -5.22
N PRO A 19 -0.75 -0.48 -4.34
CA PRO A 19 -1.85 -1.30 -3.85
C PRO A 19 -2.67 -0.53 -2.82
N ILE A 20 -3.90 -0.19 -3.16
CA ILE A 20 -4.74 0.56 -2.25
C ILE A 20 -5.08 -0.31 -1.05
N VAL A 21 -4.65 0.15 0.11
CA VAL A 21 -4.82 -0.57 1.34
C VAL A 21 -5.79 0.19 2.25
N MET A 22 -6.61 -0.54 2.98
CA MET A 22 -7.59 0.09 3.83
C MET A 22 -7.07 0.22 5.25
N VAL A 23 -7.20 1.42 5.77
CA VAL A 23 -6.80 1.73 7.13
C VAL A 23 -7.99 2.32 7.88
N ALA A 24 -8.48 1.56 8.85
CA ALA A 24 -9.60 1.95 9.68
C ALA A 24 -10.88 2.04 8.85
N GLY A 25 -10.93 1.26 7.77
CA GLY A 25 -12.10 1.23 6.92
C GLY A 25 -12.06 2.26 5.81
N ARG A 26 -10.92 2.92 5.64
CA ARG A 26 -10.78 3.92 4.61
C ARG A 26 -9.66 3.51 3.66
N PRO A 27 -9.81 3.75 2.36
CA PRO A 27 -8.79 3.38 1.38
C PRO A 27 -7.72 4.45 1.18
N PHE A 28 -6.46 4.05 1.33
CA PHE A 28 -5.33 4.92 1.13
C PHE A 28 -4.27 4.17 0.35
N SER A 29 -3.22 4.86 -0.05
CA SER A 29 -2.14 4.23 -0.78
C SER A 29 -1.26 3.39 0.17
N TYR A 30 -0.81 2.24 -0.31
CA TYR A 30 0.01 1.35 0.50
C TYR A 30 1.33 2.01 0.86
N SER A 31 1.94 2.70 -0.10
CA SER A 31 3.19 3.40 0.14
C SER A 31 3.04 4.35 1.33
N GLU A 32 1.89 5.02 1.36
CA GLU A 32 1.58 5.94 2.43
C GLU A 32 1.51 5.22 3.77
N VAL A 33 0.71 4.18 3.84
CA VAL A 33 0.54 3.41 5.08
C VAL A 33 1.86 2.80 5.55
N SER A 34 2.72 2.39 4.62
CA SER A 34 3.99 1.77 4.98
C SER A 34 4.88 2.78 5.68
N GLN A 35 4.71 4.05 5.36
CA GLN A 35 5.50 5.11 5.96
C GLN A 35 4.68 5.86 7.01
N ARG A 36 3.44 5.44 7.20
CA ARG A 36 2.55 6.08 8.15
C ARG A 36 2.15 5.14 9.28
N PRO A 37 2.87 5.20 10.41
CA PRO A 37 2.55 4.38 11.57
C PRO A 37 1.16 4.71 12.10
N GLU A 38 0.76 5.98 12.00
CA GLU A 38 -0.54 6.44 12.49
C GLU A 38 -1.66 5.65 11.84
N LEU A 39 -1.35 5.07 10.71
CA LEU A 39 -2.30 4.30 9.93
C LEU A 39 -2.27 2.83 10.27
N VAL A 40 -1.09 2.23 10.22
CA VAL A 40 -0.96 0.81 10.52
C VAL A 40 -1.43 0.53 11.95
N ALA A 41 -1.21 1.48 12.84
CA ALA A 41 -1.63 1.35 14.23
C ALA A 41 -3.14 1.52 14.34
N GLN A 42 -3.73 2.05 13.27
CA GLN A 42 -5.17 2.26 13.20
C GLN A 42 -5.80 1.05 12.54
N MET A 43 -4.99 0.35 11.75
CA MET A 43 -5.43 -0.85 11.03
C MET A 43 -5.99 -1.90 11.96
N THR A 44 -7.09 -2.50 11.54
CA THR A 44 -7.70 -3.56 12.31
C THR A 44 -6.89 -4.84 12.06
N PRO A 45 -7.14 -5.94 12.79
CA PRO A 45 -6.42 -7.19 12.59
C PRO A 45 -6.43 -7.60 11.11
N GLU A 46 -7.59 -7.50 10.49
CA GLU A 46 -7.76 -7.85 9.08
C GLU A 46 -6.94 -6.92 8.19
N GLU A 47 -7.03 -5.62 8.44
CA GLU A 47 -6.32 -4.62 7.65
C GLU A 47 -4.80 -4.76 7.80
N LYS A 48 -4.32 -4.80 9.03
CA LYS A 48 -2.90 -4.91 9.29
C LYS A 48 -2.33 -6.15 8.66
N GLU A 49 -2.99 -7.28 8.89
CA GLU A 49 -2.54 -8.56 8.35
C GLU A 49 -2.56 -8.53 6.82
N ALA A 50 -3.45 -7.74 6.24
CA ALA A 50 -3.53 -7.63 4.78
C ALA A 50 -2.36 -6.81 4.25
N TYR A 51 -2.14 -5.66 4.87
CA TYR A 51 -1.06 -4.76 4.48
C TYR A 51 0.29 -5.42 4.75
N ILE A 52 0.39 -6.02 5.93
CA ILE A 52 1.59 -6.69 6.37
C ILE A 52 1.90 -7.89 5.49
N ALA A 53 0.85 -8.60 5.07
CA ALA A 53 1.03 -9.76 4.19
C ALA A 53 1.51 -9.29 2.82
N MET A 54 0.95 -8.17 2.36
CA MET A 54 1.33 -7.60 1.08
C MET A 54 2.79 -7.15 1.11
N GLY A 55 3.16 -6.51 2.21
CA GLY A 55 4.52 -6.05 2.39
C GLY A 55 5.51 -7.19 2.31
N GLN A 56 5.20 -8.29 3.00
CA GLN A 56 6.07 -9.46 3.00
C GLN A 56 6.23 -10.00 1.58
N ARG A 57 5.20 -9.87 0.75
CA ARG A 57 5.25 -10.35 -0.62
C ARG A 57 6.26 -9.55 -1.44
N MET A 58 6.60 -8.37 -0.96
CA MET A 58 7.55 -7.50 -1.65
C MET A 58 8.92 -7.55 -0.99
N PHE A 59 8.94 -7.80 0.31
CA PHE A 59 10.19 -7.84 1.06
C PHE A 59 10.77 -9.26 1.16
N GLU A 60 10.30 -10.14 0.30
CA GLU A 60 10.77 -11.51 0.30
C GLU A 60 11.44 -11.85 -1.03
N ASP A 61 11.78 -10.81 -1.77
CA ASP A 61 12.44 -10.95 -3.06
C ASP A 61 13.91 -10.60 -2.91
N LEU A 62 14.34 -10.53 -1.66
CA LEU A 62 15.71 -10.20 -1.34
C LEU A 62 16.56 -11.46 -1.24
N PHE A 63 17.07 -11.89 -2.39
CA PHE A 63 17.90 -13.09 -2.45
C PHE A 63 19.38 -12.70 -2.43
N GLU A 64 19.64 -11.43 -2.74
CA GLU A 64 20.99 -10.91 -2.77
C GLU A 64 21.02 -9.57 -2.03
N GLU A 3 -0.25 1.69 -18.38
CA GLU A 3 -1.49 2.37 -18.83
C GLU A 3 -1.33 3.88 -18.77
N GLU A 4 -0.20 4.36 -19.26
CA GLU A 4 0.11 5.79 -19.28
C GLU A 4 -0.23 6.37 -20.66
N ASP A 5 -0.88 5.55 -21.47
CA ASP A 5 -1.27 5.95 -22.82
C ASP A 5 -2.68 6.54 -22.85
N GLU A 6 -2.98 7.22 -23.95
CA GLU A 6 -4.28 7.86 -24.17
C GLU A 6 -4.66 8.83 -23.04
N GLU A 7 -3.69 9.58 -22.56
CA GLU A 7 -3.91 10.55 -21.50
C GLU A 7 -3.29 11.88 -21.87
N GLU A 8 -3.66 12.93 -21.15
CA GLU A 8 -3.13 14.26 -21.41
C GLU A 8 -2.33 14.77 -20.22
N ASP A 9 -2.69 14.31 -19.02
CA ASP A 9 -2.00 14.73 -17.80
C ASP A 9 -1.14 13.60 -17.27
N ASP A 10 -0.60 13.76 -16.08
CA ASP A 10 0.25 12.73 -15.49
C ASP A 10 -0.17 12.40 -14.07
N GLU A 11 -0.21 11.11 -13.77
CA GLU A 11 -0.57 10.61 -12.45
C GLU A 11 0.62 9.87 -11.86
N PHE A 12 1.80 10.44 -12.10
CA PHE A 12 3.07 9.87 -11.65
C PHE A 12 3.37 8.59 -12.42
N GLU A 13 3.52 8.76 -13.74
CA GLU A 13 3.80 7.65 -14.66
C GLU A 13 2.60 6.74 -14.80
N GLU A 14 2.47 5.77 -13.91
CA GLU A 14 1.35 4.84 -13.95
C GLU A 14 0.17 5.38 -13.17
N VAL A 15 -1.04 5.10 -13.62
CA VAL A 15 -2.24 5.58 -12.96
C VAL A 15 -2.53 4.78 -11.68
N ALA A 16 -1.76 5.09 -10.64
CA ALA A 16 -1.90 4.44 -9.34
C ALA A 16 -1.65 2.94 -9.41
N ASP A 17 -0.37 2.56 -9.43
CA ASP A 17 0.03 1.16 -9.47
C ASP A 17 0.09 0.60 -8.05
N ASP A 18 0.18 1.51 -7.09
CA ASP A 18 0.23 1.17 -5.67
C ASP A 18 -1.03 0.43 -5.24
N PRO A 19 -0.88 -0.63 -4.43
CA PRO A 19 -2.01 -1.41 -3.95
C PRO A 19 -2.77 -0.66 -2.87
N ILE A 20 -4.01 -0.31 -3.16
CA ILE A 20 -4.83 0.42 -2.22
C ILE A 20 -5.14 -0.45 -1.01
N VAL A 21 -4.67 -0.02 0.14
CA VAL A 21 -4.84 -0.75 1.37
C VAL A 21 -5.76 0.05 2.29
N MET A 22 -6.62 -0.65 3.01
CA MET A 22 -7.57 0.01 3.88
C MET A 22 -7.03 0.18 5.28
N VAL A 23 -7.16 1.39 5.79
CA VAL A 23 -6.76 1.73 7.14
C VAL A 23 -7.95 2.33 7.88
N ALA A 24 -8.45 1.57 8.84
CA ALA A 24 -9.59 1.97 9.65
C ALA A 24 -10.85 2.13 8.81
N GLY A 25 -10.92 1.36 7.72
CA GLY A 25 -12.08 1.41 6.86
C GLY A 25 -11.96 2.38 5.70
N ARG A 26 -10.84 3.08 5.63
CA ARG A 26 -10.63 4.03 4.55
C ARG A 26 -9.54 3.53 3.61
N PRO A 27 -9.70 3.76 2.30
CA PRO A 27 -8.73 3.30 1.31
C PRO A 27 -7.62 4.32 1.01
N PHE A 28 -6.39 3.94 1.31
CA PHE A 28 -5.23 4.78 1.04
C PHE A 28 -4.21 3.97 0.25
N SER A 29 -3.08 4.57 -0.05
CA SER A 29 -2.04 3.87 -0.78
C SER A 29 -1.21 3.01 0.18
N TYR A 30 -0.78 1.85 -0.28
CA TYR A 30 0.01 0.94 0.54
C TYR A 30 1.32 1.59 0.97
N SER A 31 2.00 2.24 0.04
CA SER A 31 3.26 2.91 0.32
C SER A 31 3.06 3.91 1.46
N GLU A 32 1.94 4.61 1.40
CA GLU A 32 1.60 5.60 2.41
C GLU A 32 1.46 4.94 3.78
N VAL A 33 0.75 3.83 3.83
CA VAL A 33 0.54 3.12 5.09
C VAL A 33 1.84 2.57 5.66
N SER A 34 2.70 2.04 4.80
CA SER A 34 3.98 1.49 5.25
C SER A 34 4.85 2.58 5.85
N GLN A 35 4.69 3.80 5.35
CA GLN A 35 5.45 4.92 5.84
C GLN A 35 4.69 5.68 6.92
N ARG A 36 3.45 5.27 7.17
CA ARG A 36 2.63 5.91 8.18
C ARG A 36 2.21 4.95 9.29
N PRO A 37 3.00 4.87 10.37
CA PRO A 37 2.69 4.01 11.50
C PRO A 37 1.33 4.38 12.09
N GLU A 38 1.01 5.67 12.11
CA GLU A 38 -0.25 6.15 12.68
C GLU A 38 -1.43 5.48 12.01
N LEU A 39 -1.19 5.00 10.81
CA LEU A 39 -2.21 4.35 10.02
C LEU A 39 -2.29 2.86 10.32
N VAL A 40 -1.16 2.19 10.34
CA VAL A 40 -1.17 0.77 10.63
C VAL A 40 -1.66 0.54 12.05
N ALA A 41 -1.40 1.51 12.92
CA ALA A 41 -1.85 1.43 14.31
C ALA A 41 -3.35 1.71 14.37
N GLN A 42 -3.88 2.25 13.28
CA GLN A 42 -5.29 2.54 13.13
C GLN A 42 -5.98 1.37 12.47
N MET A 43 -5.18 0.59 11.76
CA MET A 43 -5.64 -0.61 11.06
C MET A 43 -6.27 -1.61 12.01
N THR A 44 -7.33 -2.25 11.55
CA THR A 44 -8.00 -3.28 12.32
C THR A 44 -7.17 -4.55 12.21
N PRO A 45 -7.45 -5.59 13.02
CA PRO A 45 -6.71 -6.86 12.93
C PRO A 45 -6.75 -7.42 11.51
N GLU A 46 -7.89 -7.24 10.86
CA GLU A 46 -8.11 -7.70 9.51
C GLU A 46 -7.28 -6.88 8.51
N GLU A 47 -7.33 -5.55 8.66
CA GLU A 47 -6.60 -4.65 7.77
C GLU A 47 -5.09 -4.81 7.93
N LYS A 48 -4.62 -4.79 9.17
CA LYS A 48 -3.20 -4.91 9.45
C LYS A 48 -2.64 -6.21 8.88
N GLU A 49 -3.26 -7.32 9.23
CA GLU A 49 -2.80 -8.62 8.75
C GLU A 49 -2.81 -8.69 7.23
N ALA A 50 -3.74 -7.98 6.59
CA ALA A 50 -3.82 -7.98 5.14
C ALA A 50 -2.67 -7.17 4.56
N TYR A 51 -2.42 -6.02 5.17
CA TYR A 51 -1.35 -5.12 4.74
C TYR A 51 0.01 -5.76 5.03
N ILE A 52 0.16 -6.25 6.25
CA ILE A 52 1.40 -6.86 6.69
C ILE A 52 1.72 -8.12 5.88
N ALA A 53 0.68 -8.85 5.47
CA ALA A 53 0.88 -10.05 4.66
C ALA A 53 1.50 -9.66 3.32
N MET A 54 0.95 -8.63 2.70
CA MET A 54 1.45 -8.14 1.43
C MET A 54 2.81 -7.49 1.63
N GLY A 55 2.96 -6.77 2.73
CA GLY A 55 4.19 -6.09 3.04
C GLY A 55 5.35 -7.05 3.24
N GLN A 56 5.07 -8.27 3.63
CA GLN A 56 6.11 -9.27 3.83
C GLN A 56 6.66 -9.76 2.50
N ARG A 57 5.80 -9.83 1.49
CA ARG A 57 6.24 -10.26 0.18
C ARG A 57 6.84 -9.10 -0.59
N MET A 58 6.31 -7.90 -0.35
CA MET A 58 6.78 -6.72 -1.05
C MET A 58 8.00 -6.11 -0.38
N PHE A 59 7.86 -5.77 0.90
CA PHE A 59 8.94 -5.15 1.65
C PHE A 59 9.39 -3.89 0.91
N GLU A 60 8.38 -3.13 0.44
CA GLU A 60 8.58 -1.90 -0.31
C GLU A 60 9.31 -2.20 -1.62
N ASP A 61 9.26 -3.48 -2.00
CA ASP A 61 9.89 -4.00 -3.21
C ASP A 61 11.27 -3.39 -3.42
N LEU A 62 12.11 -3.55 -2.40
CA LEU A 62 13.47 -3.02 -2.41
C LEU A 62 14.42 -3.91 -3.23
N PHE A 63 13.98 -4.30 -4.41
CA PHE A 63 14.76 -5.15 -5.30
C PHE A 63 14.62 -4.69 -6.74
N GLU A 64 15.62 -4.99 -7.55
CA GLU A 64 15.61 -4.62 -8.96
C GLU A 64 15.78 -5.87 -9.81
N GLU A 3 8.36 15.21 -17.15
CA GLU A 3 7.65 15.18 -18.46
C GLU A 3 7.22 13.77 -18.80
N GLU A 4 6.86 13.03 -17.77
CA GLU A 4 6.45 11.64 -17.92
C GLU A 4 4.93 11.54 -17.99
N ASP A 5 4.25 12.38 -17.23
CA ASP A 5 2.79 12.40 -17.21
C ASP A 5 2.28 13.76 -17.69
N GLU A 6 0.98 13.87 -17.90
CA GLU A 6 0.37 15.11 -18.37
C GLU A 6 -0.47 15.77 -17.28
N GLU A 7 -0.97 14.96 -16.35
CA GLU A 7 -1.83 15.45 -15.28
C GLU A 7 -1.03 15.58 -13.98
N GLU A 8 -0.46 14.46 -13.54
CA GLU A 8 0.30 14.43 -12.30
C GLU A 8 1.77 14.15 -12.59
N ASP A 9 2.44 15.13 -13.18
CA ASP A 9 3.86 14.99 -13.51
C ASP A 9 4.72 15.64 -12.44
N ASP A 10 5.66 14.88 -11.90
CA ASP A 10 6.57 15.38 -10.86
C ASP A 10 7.78 14.47 -10.78
N GLU A 11 8.60 14.66 -9.75
CA GLU A 11 9.79 13.86 -9.56
C GLU A 11 9.39 12.44 -9.15
N PHE A 12 10.13 11.45 -9.63
CA PHE A 12 9.86 10.06 -9.37
C PHE A 12 8.49 9.67 -9.93
N GLU A 13 8.47 9.48 -11.24
CA GLU A 13 7.27 9.10 -11.98
C GLU A 13 6.53 7.93 -11.34
N GLU A 14 7.29 6.91 -10.92
CA GLU A 14 6.75 5.71 -10.30
C GLU A 14 5.98 4.88 -11.33
N VAL A 15 6.57 3.76 -11.74
CA VAL A 15 5.96 2.89 -12.73
C VAL A 15 5.57 1.55 -12.14
N ALA A 16 5.32 1.52 -10.84
CA ALA A 16 4.92 0.30 -10.18
C ALA A 16 3.40 0.23 -10.07
N ASP A 17 2.93 -0.38 -9.00
CA ASP A 17 1.49 -0.52 -8.77
C ASP A 17 1.21 -0.51 -7.28
N ASP A 18 0.82 0.67 -6.79
CA ASP A 18 0.49 0.82 -5.38
C ASP A 18 -0.88 0.25 -5.09
N PRO A 19 -0.93 -0.80 -4.26
CA PRO A 19 -2.17 -1.45 -3.89
C PRO A 19 -2.88 -0.66 -2.81
N ILE A 20 -4.09 -0.24 -3.10
CA ILE A 20 -4.86 0.53 -2.13
C ILE A 20 -5.20 -0.33 -0.93
N VAL A 21 -4.74 0.12 0.23
CA VAL A 21 -4.92 -0.60 1.46
C VAL A 21 -5.86 0.18 2.38
N MET A 22 -6.72 -0.53 3.08
CA MET A 22 -7.68 0.09 3.95
C MET A 22 -7.11 0.29 5.35
N VAL A 23 -7.27 1.49 5.85
CA VAL A 23 -6.85 1.83 7.20
C VAL A 23 -8.02 2.44 7.95
N ALA A 24 -8.56 1.66 8.88
CA ALA A 24 -9.69 2.05 9.69
C ALA A 24 -10.95 2.20 8.84
N GLY A 25 -10.99 1.44 7.74
CA GLY A 25 -12.16 1.47 6.87
C GLY A 25 -12.04 2.46 5.74
N ARG A 26 -10.90 3.14 5.65
CA ARG A 26 -10.69 4.12 4.59
C ARG A 26 -9.61 3.64 3.65
N PRO A 27 -9.74 3.94 2.34
CA PRO A 27 -8.78 3.50 1.33
C PRO A 27 -7.66 4.51 1.07
N PHE A 28 -6.43 4.10 1.34
CA PHE A 28 -5.25 4.93 1.07
C PHE A 28 -4.24 4.11 0.31
N SER A 29 -3.16 4.75 -0.13
CA SER A 29 -2.12 4.05 -0.85
C SER A 29 -1.31 3.21 0.11
N TYR A 30 -0.85 2.05 -0.35
CA TYR A 30 -0.06 1.16 0.50
C TYR A 30 1.25 1.81 0.92
N SER A 31 1.90 2.50 -0.03
CA SER A 31 3.16 3.17 0.26
C SER A 31 2.97 4.18 1.37
N GLU A 32 1.81 4.83 1.37
CA GLU A 32 1.48 5.83 2.37
C GLU A 32 1.38 5.18 3.75
N VAL A 33 0.65 4.08 3.84
CA VAL A 33 0.48 3.39 5.11
C VAL A 33 1.80 2.82 5.62
N SER A 34 2.65 2.39 4.70
CA SER A 34 3.93 1.81 5.07
C SER A 34 4.88 2.89 5.60
N GLN A 35 4.50 4.14 5.43
CA GLN A 35 5.29 5.25 5.90
C GLN A 35 4.59 5.97 7.04
N ARG A 36 3.33 5.60 7.27
CA ARG A 36 2.54 6.21 8.34
C ARG A 36 2.15 5.18 9.39
N PRO A 37 2.96 5.06 10.45
CA PRO A 37 2.68 4.14 11.53
C PRO A 37 1.33 4.42 12.19
N GLU A 38 0.98 5.69 12.30
CA GLU A 38 -0.29 6.10 12.94
C GLU A 38 -1.46 5.42 12.25
N LEU A 39 -1.23 5.05 11.01
CA LEU A 39 -2.25 4.41 10.19
C LEU A 39 -2.27 2.92 10.41
N VAL A 40 -1.11 2.30 10.40
CA VAL A 40 -1.04 0.85 10.63
C VAL A 40 -1.53 0.54 12.04
N ALA A 41 -1.30 1.47 12.95
CA ALA A 41 -1.74 1.32 14.33
C ALA A 41 -3.25 1.56 14.42
N GLN A 42 -3.80 2.12 13.36
CA GLN A 42 -5.22 2.39 13.25
C GLN A 42 -5.90 1.23 12.55
N MET A 43 -5.09 0.48 11.80
CA MET A 43 -5.55 -0.69 11.06
C MET A 43 -6.16 -1.74 11.99
N THR A 44 -7.24 -2.34 11.53
CA THR A 44 -7.87 -3.41 12.27
C THR A 44 -7.06 -4.68 12.04
N PRO A 45 -7.34 -5.77 12.78
CA PRO A 45 -6.62 -7.03 12.60
C PRO A 45 -6.60 -7.44 11.12
N GLU A 46 -7.76 -7.38 10.48
CA GLU A 46 -7.90 -7.73 9.08
C GLU A 46 -7.07 -6.81 8.19
N GLU A 47 -7.16 -5.50 8.44
CA GLU A 47 -6.42 -4.53 7.64
C GLU A 47 -4.91 -4.67 7.80
N LYS A 48 -4.44 -4.70 9.04
CA LYS A 48 -3.02 -4.83 9.31
C LYS A 48 -2.46 -6.10 8.70
N GLU A 49 -3.14 -7.21 8.95
CA GLU A 49 -2.71 -8.49 8.41
C GLU A 49 -2.70 -8.48 6.89
N ALA A 50 -3.58 -7.70 6.28
CA ALA A 50 -3.63 -7.62 4.83
C ALA A 50 -2.46 -6.80 4.31
N TYR A 51 -2.24 -5.64 4.92
CA TYR A 51 -1.15 -4.75 4.56
C TYR A 51 0.20 -5.41 4.84
N ILE A 52 0.30 -5.99 6.02
CA ILE A 52 1.51 -6.64 6.47
C ILE A 52 1.82 -7.87 5.62
N ALA A 53 0.79 -8.61 5.23
CA ALA A 53 0.99 -9.79 4.39
C ALA A 53 1.51 -9.38 3.02
N MET A 54 0.93 -8.32 2.47
CA MET A 54 1.33 -7.82 1.17
C MET A 54 2.77 -7.33 1.23
N GLY A 55 3.07 -6.52 2.24
CA GLY A 55 4.40 -5.98 2.41
C GLY A 55 5.46 -7.06 2.55
N GLN A 56 5.16 -8.06 3.37
CA GLN A 56 6.09 -9.16 3.61
C GLN A 56 6.41 -9.89 2.30
N ARG A 57 5.39 -10.12 1.48
CA ARG A 57 5.58 -10.80 0.21
C ARG A 57 6.28 -9.91 -0.81
N MET A 58 6.15 -8.60 -0.64
CA MET A 58 6.79 -7.65 -1.55
C MET A 58 8.30 -7.63 -1.30
N PHE A 59 8.69 -7.81 -0.04
CA PHE A 59 10.10 -7.81 0.33
C PHE A 59 10.55 -9.23 0.65
N GLU A 60 9.86 -10.20 0.05
CA GLU A 60 10.17 -11.60 0.27
C GLU A 60 11.10 -12.10 -0.82
N ASP A 61 11.21 -11.30 -1.84
CA ASP A 61 12.06 -11.62 -2.99
C ASP A 61 13.35 -10.81 -2.92
N LEU A 62 14.17 -11.14 -1.94
CA LEU A 62 15.45 -10.46 -1.74
C LEU A 62 16.45 -10.86 -2.82
N PHE A 63 16.89 -9.88 -3.58
CA PHE A 63 17.85 -10.11 -4.66
C PHE A 63 18.79 -8.92 -4.77
N GLU A 64 18.20 -7.74 -4.80
CA GLU A 64 18.95 -6.50 -4.90
C GLU A 64 18.57 -5.59 -3.73
N GLU A 3 10.52 7.03 -23.65
CA GLU A 3 9.39 7.82 -23.15
C GLU A 3 8.34 6.89 -22.54
N GLU A 4 8.33 6.80 -21.21
CA GLU A 4 7.39 5.97 -20.48
C GLU A 4 7.55 4.50 -20.88
N ASP A 5 8.78 4.11 -21.16
CA ASP A 5 9.11 2.74 -21.56
C ASP A 5 9.27 1.86 -20.33
N GLU A 6 9.39 0.55 -20.54
CA GLU A 6 9.56 -0.38 -19.43
C GLU A 6 10.81 -1.23 -19.62
N GLU A 7 11.37 -1.19 -20.82
CA GLU A 7 12.57 -1.96 -21.14
C GLU A 7 13.81 -1.31 -20.54
N GLU A 8 13.71 -0.03 -20.21
CA GLU A 8 14.82 0.70 -19.62
C GLU A 8 14.81 0.60 -18.11
N ASP A 9 15.79 1.21 -17.46
CA ASP A 9 15.89 1.20 -16.00
C ASP A 9 14.88 2.15 -15.38
N ASP A 10 13.64 1.65 -15.24
CA ASP A 10 12.52 2.41 -14.68
C ASP A 10 12.14 3.58 -15.58
N GLU A 11 11.24 4.43 -15.09
CA GLU A 11 10.78 5.59 -15.84
C GLU A 11 9.76 6.36 -15.00
N PHE A 12 9.74 7.68 -15.16
CA PHE A 12 8.80 8.51 -14.43
C PHE A 12 7.45 8.49 -15.13
N GLU A 13 6.87 7.29 -15.21
CA GLU A 13 5.58 7.10 -15.86
C GLU A 13 4.45 7.81 -15.09
N GLU A 14 4.59 7.85 -13.76
CA GLU A 14 3.61 8.48 -12.89
C GLU A 14 2.26 7.76 -12.93
N VAL A 15 2.32 6.45 -13.13
CA VAL A 15 1.12 5.62 -13.19
C VAL A 15 1.30 4.41 -12.28
N ALA A 16 2.15 4.60 -11.27
CA ALA A 16 2.46 3.56 -10.29
C ALA A 16 1.19 2.91 -9.74
N ASP A 17 1.08 1.60 -9.93
CA ASP A 17 -0.06 0.84 -9.47
C ASP A 17 0.10 0.49 -8.00
N ASP A 18 -0.02 1.53 -7.18
CA ASP A 18 0.06 1.37 -5.73
C ASP A 18 -1.14 0.58 -5.24
N PRO A 19 -0.90 -0.46 -4.43
CA PRO A 19 -1.96 -1.29 -3.89
C PRO A 19 -2.78 -0.54 -2.85
N ILE A 20 -4.02 -0.22 -3.18
CA ILE A 20 -4.85 0.51 -2.25
C ILE A 20 -5.13 -0.37 -1.04
N VAL A 21 -4.71 0.13 0.11
CA VAL A 21 -4.84 -0.59 1.35
C VAL A 21 -5.79 0.14 2.29
N MET A 22 -6.59 -0.61 3.04
CA MET A 22 -7.56 -0.02 3.91
C MET A 22 -6.99 0.21 5.31
N VAL A 23 -7.19 1.42 5.79
CA VAL A 23 -6.77 1.80 7.13
C VAL A 23 -7.96 2.36 7.90
N ALA A 24 -8.46 1.57 8.82
CA ALA A 24 -9.59 1.92 9.66
C ALA A 24 -10.86 2.04 8.83
N GLY A 25 -10.92 1.27 7.74
CA GLY A 25 -12.11 1.26 6.90
C GLY A 25 -12.04 2.26 5.76
N ARG A 26 -10.92 2.94 5.64
CA ARG A 26 -10.76 3.92 4.58
C ARG A 26 -9.67 3.47 3.61
N PRO A 27 -9.82 3.77 2.31
CA PRO A 27 -8.85 3.37 1.29
C PRO A 27 -7.77 4.41 1.03
N PHE A 28 -6.52 4.05 1.30
CA PHE A 28 -5.38 4.92 1.05
C PHE A 28 -4.34 4.15 0.26
N SER A 29 -3.25 4.81 -0.08
CA SER A 29 -2.18 4.17 -0.81
C SER A 29 -1.33 3.33 0.13
N TYR A 30 -0.87 2.19 -0.36
CA TYR A 30 -0.05 1.29 0.44
C TYR A 30 1.26 1.93 0.84
N SER A 31 1.92 2.58 -0.13
CA SER A 31 3.19 3.25 0.13
C SER A 31 3.03 4.25 1.27
N GLU A 32 1.87 4.88 1.32
CA GLU A 32 1.56 5.86 2.34
C GLU A 32 1.48 5.20 3.71
N VAL A 33 0.75 4.09 3.79
CA VAL A 33 0.58 3.38 5.06
C VAL A 33 1.90 2.82 5.58
N SER A 34 2.75 2.33 4.68
CA SER A 34 4.04 1.77 5.07
C SER A 34 4.93 2.84 5.69
N GLN A 35 4.67 4.09 5.32
CA GLN A 35 5.45 5.20 5.84
C GLN A 35 4.70 5.93 6.95
N ARG A 36 3.45 5.52 7.19
CA ARG A 36 2.63 6.13 8.23
C ARG A 36 2.23 5.12 9.29
N PRO A 37 3.04 5.01 10.35
CA PRO A 37 2.76 4.11 11.45
C PRO A 37 1.40 4.38 12.08
N GLU A 38 1.03 5.67 12.20
CA GLU A 38 -0.24 6.06 12.81
C GLU A 38 -1.41 5.37 12.11
N LEU A 39 -1.17 5.01 10.87
CA LEU A 39 -2.18 4.37 10.04
C LEU A 39 -2.22 2.88 10.27
N VAL A 40 -1.06 2.24 10.27
CA VAL A 40 -1.01 0.80 10.50
C VAL A 40 -1.51 0.50 11.91
N ALA A 41 -1.26 1.44 12.81
CA ALA A 41 -1.71 1.29 14.20
C ALA A 41 -3.22 1.54 14.28
N GLN A 42 -3.75 2.12 13.22
CA GLN A 42 -5.18 2.39 13.11
C GLN A 42 -5.86 1.23 12.42
N MET A 43 -5.06 0.48 11.66
CA MET A 43 -5.53 -0.69 10.94
C MET A 43 -6.15 -1.72 11.87
N THR A 44 -7.24 -2.31 11.44
CA THR A 44 -7.90 -3.34 12.20
C THR A 44 -7.10 -4.64 12.05
N PRO A 45 -7.41 -5.69 12.83
CA PRO A 45 -6.68 -6.96 12.73
C PRO A 45 -6.67 -7.50 11.30
N GLU A 46 -7.78 -7.32 10.61
CA GLU A 46 -7.93 -7.78 9.24
C GLU A 46 -7.12 -6.91 8.28
N GLU A 47 -7.16 -5.59 8.50
CA GLU A 47 -6.44 -4.66 7.65
C GLU A 47 -4.93 -4.80 7.79
N LYS A 48 -4.45 -4.78 9.03
CA LYS A 48 -3.02 -4.90 9.28
C LYS A 48 -2.49 -6.22 8.72
N GLU A 49 -3.14 -7.31 9.05
CA GLU A 49 -2.71 -8.62 8.57
C GLU A 49 -2.69 -8.67 7.05
N ALA A 50 -3.57 -7.90 6.42
CA ALA A 50 -3.62 -7.85 4.96
C ALA A 50 -2.44 -7.04 4.44
N TYR A 51 -2.26 -5.86 5.01
CA TYR A 51 -1.17 -4.96 4.63
C TYR A 51 0.17 -5.62 4.90
N ILE A 52 0.29 -6.24 6.07
CA ILE A 52 1.50 -6.91 6.48
C ILE A 52 1.77 -8.13 5.60
N ALA A 53 0.70 -8.78 5.15
CA ALA A 53 0.84 -9.94 4.26
C ALA A 53 1.35 -9.47 2.91
N MET A 54 0.97 -8.25 2.54
CA MET A 54 1.39 -7.63 1.30
C MET A 54 2.82 -7.13 1.45
N GLY A 55 3.14 -6.64 2.65
CA GLY A 55 4.46 -6.12 2.94
C GLY A 55 5.56 -7.12 2.67
N GLN A 56 5.32 -8.38 3.01
CA GLN A 56 6.31 -9.42 2.79
C GLN A 56 6.56 -9.63 1.30
N ARG A 57 5.60 -9.23 0.47
CA ARG A 57 5.75 -9.35 -0.97
C ARG A 57 6.64 -8.23 -1.48
N MET A 58 6.79 -7.22 -0.62
CA MET A 58 7.63 -6.06 -0.90
C MET A 58 8.98 -6.28 -0.23
N PHE A 59 9.13 -7.48 0.34
CA PHE A 59 10.33 -7.91 1.05
C PHE A 59 10.34 -7.30 2.44
N GLU A 60 9.50 -7.85 3.30
CA GLU A 60 9.34 -7.40 4.68
C GLU A 60 9.02 -5.90 4.73
N ASP A 61 8.46 -5.41 3.62
CA ASP A 61 8.09 -4.00 3.47
C ASP A 61 9.28 -3.09 3.74
N LEU A 62 10.47 -3.56 3.37
CA LEU A 62 11.68 -2.78 3.57
C LEU A 62 12.21 -2.30 2.24
N PHE A 63 12.38 -0.98 2.11
CA PHE A 63 12.87 -0.38 0.90
C PHE A 63 13.39 1.03 1.19
N GLU A 64 14.12 1.59 0.25
CA GLU A 64 14.67 2.93 0.39
C GLU A 64 14.26 3.77 -0.81
N GLU A 3 -10.71 7.14 -15.03
CA GLU A 3 -9.36 6.59 -14.86
C GLU A 3 -8.50 6.90 -16.08
N GLU A 4 -7.68 5.94 -16.51
CA GLU A 4 -6.83 6.10 -17.68
C GLU A 4 -7.66 6.18 -18.96
N ASP A 5 -8.97 6.00 -18.81
CA ASP A 5 -9.89 6.02 -19.94
C ASP A 5 -10.36 7.44 -20.23
N GLU A 6 -9.76 8.38 -19.54
CA GLU A 6 -10.09 9.80 -19.70
C GLU A 6 -9.18 10.45 -20.73
N GLU A 7 -8.34 9.64 -21.36
CA GLU A 7 -7.40 10.12 -22.37
C GLU A 7 -7.37 9.16 -23.54
N GLU A 8 -6.81 9.62 -24.66
CA GLU A 8 -6.71 8.79 -25.86
C GLU A 8 -5.30 8.22 -25.98
N ASP A 9 -4.35 8.86 -25.30
CA ASP A 9 -2.96 8.43 -25.32
C ASP A 9 -2.74 7.35 -24.26
N ASP A 10 -2.50 6.12 -24.70
CA ASP A 10 -2.28 5.01 -23.78
C ASP A 10 -0.79 4.72 -23.60
N GLU A 11 -0.49 3.70 -22.79
CA GLU A 11 0.89 3.29 -22.48
C GLU A 11 1.54 4.33 -21.57
N PHE A 12 0.69 5.09 -20.90
CA PHE A 12 1.11 6.15 -19.99
C PHE A 12 0.11 6.26 -18.85
N GLU A 13 -0.27 5.10 -18.32
CA GLU A 13 -1.23 5.03 -17.22
C GLU A 13 -0.62 5.55 -15.93
N GLU A 14 -1.45 5.68 -14.90
CA GLU A 14 -1.00 6.18 -13.59
C GLU A 14 -0.24 5.09 -12.83
N VAL A 15 0.21 5.44 -11.63
CA VAL A 15 0.95 4.52 -10.79
C VAL A 15 0.01 3.51 -10.15
N ALA A 16 -0.25 2.42 -10.88
CA ALA A 16 -1.14 1.37 -10.38
C ALA A 16 -0.35 0.28 -9.69
N ASP A 17 0.90 0.60 -9.40
CA ASP A 17 1.81 -0.32 -8.73
C ASP A 17 1.53 -0.34 -7.24
N ASP A 18 0.92 0.72 -6.74
CA ASP A 18 0.60 0.83 -5.33
C ASP A 18 -0.72 0.16 -5.03
N PRO A 19 -0.70 -0.84 -4.14
CA PRO A 19 -1.88 -1.56 -3.73
C PRO A 19 -2.66 -0.76 -2.71
N ILE A 20 -3.88 -0.39 -3.06
CA ILE A 20 -4.70 0.40 -2.15
C ILE A 20 -5.06 -0.42 -0.93
N VAL A 21 -4.59 0.04 0.22
CA VAL A 21 -4.79 -0.64 1.47
C VAL A 21 -5.75 0.17 2.34
N MET A 22 -6.69 -0.50 2.98
CA MET A 22 -7.67 0.15 3.79
C MET A 22 -7.19 0.29 5.22
N VAL A 23 -7.25 1.50 5.72
CA VAL A 23 -6.87 1.79 7.09
C VAL A 23 -8.05 2.43 7.82
N ALA A 24 -8.58 1.71 8.78
CA ALA A 24 -9.71 2.15 9.58
C ALA A 24 -10.96 2.29 8.71
N GLY A 25 -11.01 1.50 7.64
CA GLY A 25 -12.15 1.52 6.74
C GLY A 25 -11.98 2.47 5.59
N ARG A 26 -10.89 3.23 5.60
CA ARG A 26 -10.63 4.18 4.54
C ARG A 26 -9.45 3.71 3.69
N PRO A 27 -9.66 3.57 2.39
CA PRO A 27 -8.62 3.10 1.47
C PRO A 27 -7.61 4.17 1.07
N PHE A 28 -6.34 3.94 1.42
CA PHE A 28 -5.25 4.85 1.06
C PHE A 28 -4.20 4.06 0.30
N SER A 29 -3.13 4.72 -0.09
CA SER A 29 -2.05 4.06 -0.80
C SER A 29 -1.22 3.24 0.18
N TYR A 30 -0.73 2.09 -0.26
CA TYR A 30 0.07 1.23 0.58
C TYR A 30 1.38 1.91 0.96
N SER A 31 1.98 2.61 0.00
CA SER A 31 3.23 3.32 0.23
C SER A 31 3.05 4.34 1.34
N GLU A 32 1.84 4.89 1.42
CA GLU A 32 1.50 5.88 2.43
C GLU A 32 1.42 5.22 3.81
N VAL A 33 0.63 4.15 3.91
CA VAL A 33 0.45 3.44 5.17
C VAL A 33 1.76 2.88 5.70
N SER A 34 2.64 2.46 4.80
CA SER A 34 3.92 1.89 5.21
C SER A 34 4.78 2.94 5.90
N GLN A 35 4.62 4.19 5.50
CA GLN A 35 5.38 5.29 6.07
C GLN A 35 4.56 6.01 7.14
N ARG A 36 3.32 5.58 7.33
CA ARG A 36 2.44 6.19 8.31
C ARG A 36 2.05 5.22 9.41
N PRO A 37 2.80 5.21 10.52
CA PRO A 37 2.51 4.34 11.65
C PRO A 37 1.14 4.67 12.25
N GLU A 38 0.78 5.96 12.25
CA GLU A 38 -0.49 6.41 12.82
C GLU A 38 -1.66 5.68 12.16
N LEU A 39 -1.39 5.18 10.98
CA LEU A 39 -2.38 4.47 10.20
C LEU A 39 -2.37 2.99 10.48
N VAL A 40 -1.20 2.37 10.45
CA VAL A 40 -1.11 0.95 10.71
C VAL A 40 -1.61 0.65 12.12
N ALA A 41 -1.38 1.58 13.03
CA ALA A 41 -1.83 1.43 14.41
C ALA A 41 -3.34 1.64 14.50
N GLN A 42 -3.89 2.18 13.42
CA GLN A 42 -5.33 2.41 13.31
C GLN A 42 -5.98 1.22 12.63
N MET A 43 -5.16 0.50 11.86
CA MET A 43 -5.59 -0.68 11.13
C MET A 43 -6.19 -1.73 12.04
N THR A 44 -7.27 -2.35 11.58
CA THR A 44 -7.90 -3.41 12.31
C THR A 44 -7.09 -4.70 12.10
N PRO A 45 -7.38 -5.78 12.83
CA PRO A 45 -6.67 -7.05 12.68
C PRO A 45 -6.61 -7.50 11.21
N GLU A 46 -7.72 -7.34 10.51
CA GLU A 46 -7.81 -7.72 9.11
C GLU A 46 -7.02 -6.77 8.23
N GLU A 47 -7.13 -5.47 8.49
CA GLU A 47 -6.43 -4.47 7.70
C GLU A 47 -4.92 -4.56 7.86
N LYS A 48 -4.45 -4.61 9.09
CA LYS A 48 -3.02 -4.70 9.37
C LYS A 48 -2.43 -5.93 8.72
N GLU A 49 -3.03 -7.09 8.99
CA GLU A 49 -2.54 -8.35 8.45
C GLU A 49 -2.53 -8.31 6.92
N ALA A 50 -3.46 -7.58 6.33
CA ALA A 50 -3.53 -7.48 4.87
C ALA A 50 -2.34 -6.67 4.35
N TYR A 51 -2.08 -5.55 5.00
CA TYR A 51 -0.97 -4.67 4.62
C TYR A 51 0.37 -5.32 4.94
N ILE A 52 0.45 -5.91 6.12
CA ILE A 52 1.65 -6.57 6.59
C ILE A 52 1.98 -7.79 5.71
N ALA A 53 0.96 -8.50 5.27
CA ALA A 53 1.16 -9.67 4.41
C ALA A 53 1.60 -9.21 3.02
N MET A 54 1.00 -8.13 2.55
CA MET A 54 1.33 -7.57 1.24
C MET A 54 2.78 -7.14 1.22
N GLY A 55 3.19 -6.41 2.26
CA GLY A 55 4.56 -5.96 2.35
C GLY A 55 5.56 -7.09 2.39
N GLN A 56 5.23 -8.13 3.15
CA GLN A 56 6.10 -9.30 3.26
C GLN A 56 6.25 -9.99 1.92
N ARG A 57 5.15 -10.09 1.18
CA ARG A 57 5.12 -10.73 -0.14
C ARG A 57 5.92 -9.95 -1.18
N MET A 58 6.43 -8.79 -0.80
CA MET A 58 7.20 -7.97 -1.73
C MET A 58 8.70 -8.11 -1.47
N PHE A 59 9.07 -8.88 -0.45
CA PHE A 59 10.46 -9.06 -0.10
C PHE A 59 10.77 -10.50 0.30
N GLU A 60 10.10 -11.46 -0.31
CA GLU A 60 10.33 -12.87 0.04
C GLU A 60 10.65 -13.70 -1.20
N ASP A 61 10.79 -13.02 -2.31
CA ASP A 61 11.07 -13.69 -3.57
C ASP A 61 12.01 -12.85 -4.44
N LEU A 62 12.72 -11.95 -3.80
CA LEU A 62 13.66 -11.08 -4.50
C LEU A 62 15.07 -11.62 -4.33
N PHE A 63 15.85 -11.56 -5.40
CA PHE A 63 17.23 -12.05 -5.38
C PHE A 63 18.16 -11.01 -6.01
N GLU A 64 17.66 -9.79 -6.13
CA GLU A 64 18.42 -8.71 -6.71
C GLU A 64 18.86 -7.73 -5.62
N GLU A 3 -2.50 17.52 -15.96
CA GLU A 3 -2.92 16.24 -15.36
C GLU A 3 -1.75 15.58 -14.63
N GLU A 4 -0.55 15.92 -15.06
CA GLU A 4 0.67 15.39 -14.49
C GLU A 4 1.32 16.40 -13.55
N ASP A 5 0.50 17.34 -13.09
CA ASP A 5 0.95 18.41 -12.19
C ASP A 5 1.15 17.87 -10.78
N GLU A 6 2.33 17.30 -10.53
CA GLU A 6 2.65 16.74 -9.23
C GLU A 6 2.95 17.83 -8.21
N GLU A 7 2.95 19.07 -8.67
CA GLU A 7 3.22 20.23 -7.81
C GLU A 7 2.27 20.29 -6.62
N GLU A 8 1.00 19.97 -6.86
CA GLU A 8 0.00 20.01 -5.78
C GLU A 8 -0.81 18.72 -5.71
N ASP A 9 -0.53 17.77 -6.61
CA ASP A 9 -1.25 16.50 -6.63
C ASP A 9 -0.38 15.40 -6.00
N ASP A 10 -0.61 14.16 -6.36
CA ASP A 10 0.16 13.04 -5.82
C ASP A 10 1.54 12.98 -6.49
N GLU A 11 2.31 11.94 -6.18
CA GLU A 11 3.65 11.81 -6.73
C GLU A 11 3.75 10.63 -7.70
N PHE A 12 4.74 10.74 -8.60
CA PHE A 12 5.03 9.70 -9.60
C PHE A 12 3.90 9.52 -10.62
N GLU A 13 3.57 10.61 -11.33
CA GLU A 13 2.53 10.60 -12.36
C GLU A 13 1.13 10.33 -11.80
N GLU A 14 0.89 9.09 -11.40
CA GLU A 14 -0.40 8.67 -10.88
C GLU A 14 -0.22 7.48 -9.94
N VAL A 15 -1.23 7.17 -9.14
CA VAL A 15 -1.15 6.06 -8.20
C VAL A 15 -1.72 4.78 -8.81
N ALA A 16 -1.73 4.73 -10.13
CA ALA A 16 -2.24 3.56 -10.85
C ALA A 16 -1.21 2.43 -10.86
N ASP A 17 -0.69 2.13 -9.68
CA ASP A 17 0.31 1.09 -9.50
C ASP A 17 0.34 0.67 -8.02
N ASP A 18 0.33 1.68 -7.16
CA ASP A 18 0.34 1.48 -5.71
C ASP A 18 -0.90 0.70 -5.29
N PRO A 19 -0.72 -0.30 -4.41
CA PRO A 19 -1.81 -1.13 -3.92
C PRO A 19 -2.61 -0.37 -2.87
N ILE A 20 -3.83 0.01 -3.21
CA ILE A 20 -4.67 0.76 -2.28
C ILE A 20 -5.02 -0.14 -1.11
N VAL A 21 -4.51 0.23 0.05
CA VAL A 21 -4.70 -0.53 1.26
C VAL A 21 -5.68 0.20 2.17
N MET A 22 -6.54 -0.56 2.85
CA MET A 22 -7.54 0.03 3.70
C MET A 22 -7.02 0.17 5.12
N VAL A 23 -7.11 1.37 5.62
CA VAL A 23 -6.72 1.65 7.00
C VAL A 23 -7.89 2.27 7.74
N ALA A 24 -8.39 1.55 8.72
CA ALA A 24 -9.51 1.97 9.53
C ALA A 24 -10.78 2.05 8.68
N GLY A 25 -10.82 1.24 7.63
CA GLY A 25 -11.98 1.20 6.76
C GLY A 25 -11.89 2.21 5.63
N ARG A 26 -10.82 2.96 5.59
CA ARG A 26 -10.64 3.97 4.56
C ARG A 26 -9.46 3.58 3.66
N PRO A 27 -9.65 3.60 2.34
CA PRO A 27 -8.61 3.22 1.39
C PRO A 27 -7.58 4.33 1.12
N PHE A 28 -6.33 4.04 1.43
CA PHE A 28 -5.24 4.98 1.18
C PHE A 28 -4.15 4.26 0.39
N SER A 29 -3.10 4.98 0.05
CA SER A 29 -2.00 4.39 -0.69
C SER A 29 -1.13 3.52 0.22
N TYR A 30 -0.64 2.41 -0.31
CA TYR A 30 0.20 1.51 0.45
C TYR A 30 1.55 2.15 0.76
N SER A 31 2.11 2.86 -0.22
CA SER A 31 3.38 3.55 -0.04
C SER A 31 3.30 4.46 1.18
N GLU A 32 2.10 4.95 1.44
CA GLU A 32 1.86 5.81 2.58
C GLU A 32 1.87 5.00 3.87
N VAL A 33 0.97 4.03 3.97
CA VAL A 33 0.83 3.20 5.17
C VAL A 33 2.15 2.63 5.69
N SER A 34 3.01 2.13 4.81
CA SER A 34 4.28 1.55 5.25
C SER A 34 5.15 2.59 5.97
N GLN A 35 4.92 3.86 5.64
CA GLN A 35 5.65 4.96 6.23
C GLN A 35 4.74 5.77 7.15
N ARG A 36 3.51 5.28 7.31
CA ARG A 36 2.52 5.95 8.14
C ARG A 36 2.15 5.10 9.34
N PRO A 37 2.78 5.37 10.48
CA PRO A 37 2.51 4.63 11.71
C PRO A 37 1.07 4.87 12.18
N GLU A 38 0.62 6.11 12.09
CA GLU A 38 -0.73 6.49 12.53
C GLU A 38 -1.78 5.66 11.81
N LEU A 39 -1.38 5.10 10.68
CA LEU A 39 -2.26 4.31 9.87
C LEU A 39 -2.22 2.84 10.24
N VAL A 40 -1.05 2.22 10.21
CA VAL A 40 -0.94 0.80 10.54
C VAL A 40 -1.44 0.56 11.96
N ALA A 41 -1.23 1.53 12.84
CA ALA A 41 -1.68 1.42 14.23
C ALA A 41 -3.20 1.58 14.32
N GLN A 42 -3.78 2.11 13.25
CA GLN A 42 -5.21 2.31 13.17
C GLN A 42 -5.83 1.09 12.49
N MET A 43 -5.00 0.39 11.72
CA MET A 43 -5.42 -0.81 11.02
C MET A 43 -5.99 -1.85 11.96
N THR A 44 -7.10 -2.44 11.56
CA THR A 44 -7.70 -3.49 12.33
C THR A 44 -6.89 -4.77 12.14
N PRO A 45 -7.13 -5.82 12.93
CA PRO A 45 -6.40 -7.08 12.77
C PRO A 45 -6.41 -7.55 11.32
N GLU A 46 -7.59 -7.47 10.70
CA GLU A 46 -7.75 -7.87 9.31
C GLU A 46 -6.93 -6.97 8.38
N GLU A 47 -7.02 -5.66 8.58
CA GLU A 47 -6.31 -4.71 7.75
C GLU A 47 -4.80 -4.84 7.88
N LYS A 48 -4.30 -4.85 9.12
CA LYS A 48 -2.87 -4.97 9.35
C LYS A 48 -2.33 -6.25 8.77
N GLU A 49 -2.98 -7.37 9.07
CA GLU A 49 -2.54 -8.66 8.56
C GLU A 49 -2.61 -8.70 7.04
N ALA A 50 -3.50 -7.89 6.45
CA ALA A 50 -3.62 -7.84 5.00
C ALA A 50 -2.47 -7.04 4.41
N TYR A 51 -2.29 -5.83 4.92
CA TYR A 51 -1.22 -4.94 4.46
C TYR A 51 0.14 -5.56 4.72
N ILE A 52 0.33 -6.04 5.94
CA ILE A 52 1.57 -6.65 6.36
C ILE A 52 1.89 -7.88 5.53
N ALA A 53 0.85 -8.61 5.11
CA ALA A 53 1.05 -9.79 4.28
C ALA A 53 1.40 -9.37 2.87
N MET A 54 0.66 -8.39 2.34
CA MET A 54 0.87 -7.88 1.00
C MET A 54 2.27 -7.29 0.88
N GLY A 55 2.67 -6.51 1.88
CA GLY A 55 3.97 -5.90 1.89
C GLY A 55 5.08 -6.92 1.93
N GLN A 56 4.92 -7.94 2.76
CA GLN A 56 5.91 -9.00 2.88
C GLN A 56 5.95 -9.87 1.63
N ARG A 57 4.98 -9.67 0.75
CA ARG A 57 4.95 -10.41 -0.51
C ARG A 57 5.67 -9.59 -1.56
N MET A 58 5.86 -8.31 -1.26
CA MET A 58 6.58 -7.41 -2.15
C MET A 58 8.02 -7.28 -1.68
N PHE A 59 8.22 -7.57 -0.39
CA PHE A 59 9.53 -7.53 0.27
C PHE A 59 10.09 -6.12 0.31
N GLU A 60 9.23 -5.15 0.10
CA GLU A 60 9.61 -3.74 0.13
C GLU A 60 8.94 -3.08 1.32
N ASP A 61 8.53 -3.91 2.25
CA ASP A 61 7.84 -3.47 3.45
C ASP A 61 8.75 -3.60 4.67
N LEU A 62 10.05 -3.57 4.40
CA LEU A 62 11.04 -3.69 5.46
C LEU A 62 11.32 -2.33 6.07
N PHE A 63 10.44 -1.92 6.98
CA PHE A 63 10.59 -0.64 7.66
C PHE A 63 11.50 -0.78 8.86
N GLU A 64 11.47 -1.96 9.47
CA GLU A 64 12.29 -2.26 10.64
C GLU A 64 13.01 -3.58 10.42
N GLU A 3 -5.51 11.12 -7.76
CA GLU A 3 -5.57 12.07 -6.62
C GLU A 3 -4.24 12.09 -5.88
N GLU A 4 -3.17 12.36 -6.62
CA GLU A 4 -1.84 12.38 -6.04
C GLU A 4 -1.36 13.82 -5.88
N ASP A 5 -1.68 14.67 -6.84
CA ASP A 5 -1.29 16.07 -6.81
C ASP A 5 -2.49 16.95 -6.47
N GLU A 6 -2.29 18.26 -6.46
CA GLU A 6 -3.35 19.21 -6.15
C GLU A 6 -3.79 19.94 -7.43
N GLU A 7 -3.05 19.73 -8.51
CA GLU A 7 -3.35 20.36 -9.79
C GLU A 7 -4.66 19.80 -10.37
N GLU A 8 -5.19 20.49 -11.38
CA GLU A 8 -6.43 20.07 -12.01
C GLU A 8 -6.14 19.26 -13.26
N ASP A 9 -5.04 19.56 -13.93
CA ASP A 9 -4.67 18.85 -15.15
C ASP A 9 -3.25 18.31 -15.07
N ASP A 10 -3.08 17.03 -15.40
CA ASP A 10 -1.78 16.39 -15.35
C ASP A 10 -1.87 14.99 -15.97
N GLU A 11 -0.72 14.45 -16.42
CA GLU A 11 -0.70 13.14 -17.04
C GLU A 11 0.05 12.12 -16.19
N PHE A 12 0.21 12.41 -14.91
CA PHE A 12 0.91 11.50 -14.01
C PHE A 12 0.00 11.02 -12.90
N GLU A 13 -1.29 11.27 -13.07
CA GLU A 13 -2.29 10.87 -12.09
C GLU A 13 -2.77 9.45 -12.42
N GLU A 14 -2.64 8.55 -11.45
CA GLU A 14 -3.05 7.17 -11.63
C GLU A 14 -3.17 6.47 -10.28
N VAL A 15 -4.28 5.78 -10.06
CA VAL A 15 -4.52 5.08 -8.81
C VAL A 15 -4.52 3.58 -9.02
N ALA A 16 -4.05 3.16 -10.18
CA ALA A 16 -3.98 1.75 -10.52
C ALA A 16 -2.53 1.27 -10.46
N ASP A 17 -1.72 2.02 -9.74
CA ASP A 17 -0.30 1.71 -9.57
C ASP A 17 -0.06 1.22 -8.15
N ASP A 18 -0.09 2.15 -7.21
CA ASP A 18 0.10 1.83 -5.79
C ASP A 18 -1.07 0.97 -5.30
N PRO A 19 -0.79 -0.04 -4.46
CA PRO A 19 -1.82 -0.91 -3.92
C PRO A 19 -2.66 -0.19 -2.88
N ILE A 20 -3.89 0.12 -3.23
CA ILE A 20 -4.77 0.81 -2.30
C ILE A 20 -5.08 -0.11 -1.13
N VAL A 21 -4.61 0.28 0.04
CA VAL A 21 -4.76 -0.50 1.24
C VAL A 21 -5.75 0.18 2.19
N MET A 22 -6.54 -0.62 2.89
CA MET A 22 -7.55 -0.11 3.78
C MET A 22 -7.00 0.10 5.18
N VAL A 23 -7.21 1.30 5.69
CA VAL A 23 -6.82 1.66 7.04
C VAL A 23 -8.03 2.22 7.76
N ALA A 24 -8.56 1.43 8.67
CA ALA A 24 -9.73 1.78 9.47
C ALA A 24 -10.97 1.90 8.59
N GLY A 25 -10.98 1.16 7.48
CA GLY A 25 -12.12 1.16 6.58
C GLY A 25 -12.03 2.25 5.52
N ARG A 26 -10.89 2.89 5.44
CA ARG A 26 -10.68 3.94 4.46
C ARG A 26 -9.55 3.55 3.53
N PRO A 27 -9.71 3.75 2.22
CA PRO A 27 -8.71 3.39 1.23
C PRO A 27 -7.65 4.46 1.00
N PHE A 28 -6.40 4.13 1.31
CA PHE A 28 -5.28 5.04 1.09
C PHE A 28 -4.21 4.31 0.30
N SER A 29 -3.12 5.00 0.02
CA SER A 29 -2.03 4.41 -0.72
C SER A 29 -1.15 3.55 0.19
N TYR A 30 -0.68 2.42 -0.33
CA TYR A 30 0.17 1.51 0.43
C TYR A 30 1.51 2.17 0.72
N SER A 31 2.05 2.89 -0.27
CA SER A 31 3.32 3.58 -0.11
C SER A 31 3.26 4.50 1.10
N GLU A 32 2.07 5.02 1.34
CA GLU A 32 1.82 5.88 2.47
C GLU A 32 1.78 5.09 3.77
N VAL A 33 0.87 4.12 3.85
CA VAL A 33 0.69 3.33 5.07
C VAL A 33 1.99 2.73 5.62
N SER A 34 2.89 2.29 4.74
CA SER A 34 4.16 1.72 5.20
C SER A 34 4.98 2.76 5.95
N GLN A 35 4.77 4.03 5.59
CA GLN A 35 5.46 5.14 6.21
C GLN A 35 4.49 5.91 7.11
N ARG A 36 3.29 5.35 7.25
CA ARG A 36 2.24 5.94 8.06
C ARG A 36 1.95 5.08 9.27
N PRO A 37 2.72 5.25 10.36
CA PRO A 37 2.52 4.47 11.57
C PRO A 37 1.13 4.72 12.16
N GLU A 38 0.74 5.98 12.15
CA GLU A 38 -0.55 6.39 12.71
C GLU A 38 -1.68 5.62 12.05
N LEU A 39 -1.42 5.14 10.86
CA LEU A 39 -2.40 4.42 10.07
C LEU A 39 -2.38 2.93 10.34
N VAL A 40 -1.22 2.31 10.32
CA VAL A 40 -1.14 0.87 10.56
C VAL A 40 -1.62 0.57 11.97
N ALA A 41 -1.40 1.52 12.87
CA ALA A 41 -1.84 1.37 14.26
C ALA A 41 -3.36 1.55 14.33
N GLN A 42 -3.92 2.10 13.26
CA GLN A 42 -5.35 2.33 13.15
C GLN A 42 -5.99 1.16 12.42
N MET A 43 -5.14 0.42 11.68
CA MET A 43 -5.57 -0.75 10.94
C MET A 43 -6.15 -1.81 11.87
N THR A 44 -7.24 -2.43 11.44
CA THR A 44 -7.84 -3.49 12.21
C THR A 44 -7.00 -4.74 12.03
N PRO A 45 -7.20 -5.79 12.86
CA PRO A 45 -6.46 -7.04 12.74
C PRO A 45 -6.45 -7.57 11.31
N GLU A 46 -7.60 -7.46 10.65
CA GLU A 46 -7.74 -7.91 9.27
C GLU A 46 -6.94 -7.01 8.32
N GLU A 47 -7.08 -5.70 8.50
CA GLU A 47 -6.39 -4.74 7.64
C GLU A 47 -4.87 -4.84 7.78
N LYS A 48 -4.39 -4.79 9.02
CA LYS A 48 -2.96 -4.87 9.26
C LYS A 48 -2.38 -6.14 8.68
N GLU A 49 -2.99 -7.28 9.01
CA GLU A 49 -2.53 -8.56 8.52
C GLU A 49 -2.56 -8.61 6.99
N ALA A 50 -3.50 -7.88 6.38
CA ALA A 50 -3.60 -7.85 4.93
C ALA A 50 -2.46 -7.01 4.35
N TYR A 51 -2.25 -5.85 4.95
CA TYR A 51 -1.19 -4.95 4.52
C TYR A 51 0.18 -5.59 4.76
N ILE A 52 0.34 -6.15 5.95
CA ILE A 52 1.58 -6.79 6.36
C ILE A 52 1.84 -8.05 5.53
N ALA A 53 0.76 -8.73 5.12
CA ALA A 53 0.90 -9.93 4.31
C ALA A 53 1.39 -9.56 2.91
N MET A 54 0.87 -8.44 2.40
CA MET A 54 1.24 -7.95 1.08
C MET A 54 2.65 -7.37 1.12
N GLY A 55 2.93 -6.61 2.17
CA GLY A 55 4.24 -6.00 2.33
C GLY A 55 5.35 -7.02 2.26
N GLN A 56 5.24 -8.07 3.05
CA GLN A 56 6.25 -9.12 3.07
C GLN A 56 6.17 -9.98 1.80
N ARG A 57 5.09 -9.84 1.05
CA ARG A 57 4.93 -10.58 -0.20
C ARG A 57 5.70 -9.88 -1.29
N MET A 58 5.68 -8.56 -1.23
CA MET A 58 6.40 -7.72 -2.18
C MET A 58 7.81 -7.49 -1.65
N PHE A 59 8.05 -8.00 -0.44
CA PHE A 59 9.32 -7.88 0.25
C PHE A 59 9.70 -6.41 0.42
N GLU A 60 8.78 -5.67 1.04
CA GLU A 60 8.94 -4.25 1.29
C GLU A 60 9.11 -3.49 -0.02
N ASP A 61 8.54 -4.05 -1.09
CA ASP A 61 8.58 -3.49 -2.43
C ASP A 61 10.01 -3.33 -2.93
N LEU A 62 10.90 -4.21 -2.47
CA LEU A 62 12.29 -4.18 -2.88
C LEU A 62 12.46 -4.95 -4.19
N PHE A 63 11.98 -4.35 -5.28
CA PHE A 63 12.08 -4.95 -6.59
C PHE A 63 13.22 -4.36 -7.39
N GLU A 64 13.22 -4.63 -8.69
CA GLU A 64 14.25 -4.13 -9.58
C GLU A 64 13.70 -2.96 -10.39
N GLU A 3 -8.45 -5.64 2.65
CA GLU A 3 -9.74 -6.26 2.29
C GLU A 3 -10.39 -5.47 1.16
N GLU A 4 -9.70 -5.41 0.03
CA GLU A 4 -10.15 -4.67 -1.13
C GLU A 4 -10.41 -5.63 -2.29
N ASP A 5 -11.03 -6.75 -1.99
CA ASP A 5 -11.32 -7.76 -3.00
C ASP A 5 -12.70 -7.53 -3.62
N GLU A 6 -13.18 -8.50 -4.39
CA GLU A 6 -14.47 -8.40 -5.05
C GLU A 6 -15.62 -8.61 -4.05
N GLU A 7 -15.89 -9.88 -3.71
CA GLU A 7 -16.95 -10.23 -2.77
C GLU A 7 -18.30 -9.72 -3.24
N GLU A 8 -18.59 -9.93 -4.54
CA GLU A 8 -19.84 -9.51 -5.17
C GLU A 8 -19.95 -7.98 -5.29
N ASP A 9 -20.02 -7.29 -4.15
CA ASP A 9 -20.13 -5.83 -4.13
C ASP A 9 -18.74 -5.20 -4.25
N ASP A 10 -18.43 -4.69 -5.43
CA ASP A 10 -17.12 -4.09 -5.69
C ASP A 10 -17.04 -2.66 -5.15
N GLU A 11 -15.82 -2.15 -5.08
CA GLU A 11 -15.55 -0.80 -4.60
C GLU A 11 -14.33 -0.25 -5.32
N PHE A 12 -13.73 0.79 -4.76
CA PHE A 12 -12.55 1.42 -5.36
C PHE A 12 -11.35 0.47 -5.32
N GLU A 13 -10.86 0.13 -6.50
CA GLU A 13 -9.71 -0.76 -6.61
C GLU A 13 -8.57 -0.04 -7.32
N GLU A 14 -8.56 -0.14 -8.65
CA GLU A 14 -7.57 0.51 -9.50
C GLU A 14 -6.15 0.32 -8.96
N VAL A 15 -5.81 -0.91 -8.60
CA VAL A 15 -4.49 -1.21 -8.05
C VAL A 15 -3.48 -1.49 -9.16
N ALA A 16 -3.50 -0.65 -10.19
CA ALA A 16 -2.61 -0.81 -11.35
C ALA A 16 -1.29 -0.07 -11.11
N ASP A 17 -0.98 0.14 -9.84
CA ASP A 17 0.23 0.84 -9.43
C ASP A 17 0.47 0.57 -7.94
N ASP A 18 -0.07 1.43 -7.10
CA ASP A 18 0.05 1.26 -5.66
C ASP A 18 -1.14 0.46 -5.16
N PRO A 19 -0.90 -0.52 -4.27
CA PRO A 19 -1.96 -1.34 -3.73
C PRO A 19 -2.78 -0.56 -2.71
N ILE A 20 -4.02 -0.25 -3.05
CA ILE A 20 -4.88 0.49 -2.15
C ILE A 20 -5.17 -0.36 -0.93
N VAL A 21 -4.77 0.13 0.22
CA VAL A 21 -4.93 -0.60 1.46
C VAL A 21 -5.84 0.17 2.41
N MET A 22 -6.82 -0.54 2.98
CA MET A 22 -7.77 0.05 3.87
C MET A 22 -7.18 0.25 5.25
N VAL A 23 -7.34 1.46 5.76
CA VAL A 23 -6.88 1.80 7.09
C VAL A 23 -8.02 2.46 7.84
N ALA A 24 -8.58 1.72 8.78
CA ALA A 24 -9.69 2.16 9.59
C ALA A 24 -10.95 2.29 8.74
N GLY A 25 -11.01 1.52 7.66
CA GLY A 25 -12.17 1.52 6.79
C GLY A 25 -12.07 2.57 5.70
N ARG A 26 -10.91 3.20 5.61
CA ARG A 26 -10.70 4.21 4.60
C ARG A 26 -9.56 3.77 3.68
N PRO A 27 -9.80 3.76 2.36
CA PRO A 27 -8.80 3.32 1.38
C PRO A 27 -7.71 4.35 1.09
N PHE A 28 -6.47 4.03 1.45
CA PHE A 28 -5.34 4.91 1.18
C PHE A 28 -4.31 4.13 0.38
N SER A 29 -3.22 4.79 0.02
CA SER A 29 -2.16 4.14 -0.73
C SER A 29 -1.28 3.32 0.21
N TYR A 30 -0.83 2.16 -0.27
CA TYR A 30 0.01 1.29 0.53
C TYR A 30 1.35 1.95 0.83
N SER A 31 1.89 2.66 -0.16
CA SER A 31 3.16 3.36 0.00
C SER A 31 3.05 4.45 1.07
N GLU A 32 1.82 4.82 1.38
CA GLU A 32 1.54 5.82 2.40
C GLU A 32 1.45 5.16 3.77
N VAL A 33 0.67 4.08 3.86
CA VAL A 33 0.48 3.38 5.12
C VAL A 33 1.79 2.79 5.65
N SER A 34 2.66 2.34 4.76
CA SER A 34 3.93 1.76 5.19
C SER A 34 4.81 2.82 5.85
N GLN A 35 4.64 4.06 5.43
CA GLN A 35 5.42 5.17 5.97
C GLN A 35 4.65 5.88 7.08
N ARG A 36 3.39 5.48 7.28
CA ARG A 36 2.56 6.09 8.30
C ARG A 36 2.15 5.10 9.38
N PRO A 37 2.91 5.05 10.48
CA PRO A 37 2.60 4.17 11.60
C PRO A 37 1.24 4.51 12.21
N GLU A 38 0.91 5.81 12.25
CA GLU A 38 -0.35 6.28 12.83
C GLU A 38 -1.54 5.60 12.15
N LEU A 39 -1.28 5.12 10.96
CA LEU A 39 -2.28 4.46 10.15
C LEU A 39 -2.33 2.97 10.42
N VAL A 40 -1.17 2.33 10.41
CA VAL A 40 -1.11 0.90 10.66
C VAL A 40 -1.61 0.61 12.07
N ALA A 41 -1.37 1.54 12.99
CA ALA A 41 -1.81 1.40 14.36
C ALA A 41 -3.33 1.61 14.44
N GLN A 42 -3.88 2.16 13.36
CA GLN A 42 -5.31 2.39 13.24
C GLN A 42 -5.96 1.20 12.55
N MET A 43 -5.15 0.50 11.78
CA MET A 43 -5.60 -0.68 11.04
C MET A 43 -6.18 -1.74 11.97
N THR A 44 -7.26 -2.36 11.52
CA THR A 44 -7.87 -3.43 12.27
C THR A 44 -7.05 -4.70 12.05
N PRO A 45 -7.30 -5.78 12.81
CA PRO A 45 -6.57 -7.05 12.65
C PRO A 45 -6.52 -7.48 11.18
N GLU A 46 -7.66 -7.35 10.51
CA GLU A 46 -7.77 -7.72 9.09
C GLU A 46 -6.94 -6.78 8.23
N GLU A 47 -7.15 -5.47 8.40
CA GLU A 47 -6.43 -4.47 7.62
C GLU A 47 -4.92 -4.58 7.78
N LYS A 48 -4.47 -4.63 9.03
CA LYS A 48 -3.04 -4.73 9.31
C LYS A 48 -2.44 -5.97 8.69
N GLU A 49 -3.06 -7.12 8.95
CA GLU A 49 -2.58 -8.38 8.41
C GLU A 49 -2.55 -8.35 6.89
N ALA A 50 -3.49 -7.66 6.27
CA ALA A 50 -3.55 -7.56 4.82
C ALA A 50 -2.35 -6.77 4.30
N TYR A 51 -2.13 -5.61 4.91
CA TYR A 51 -1.03 -4.73 4.53
C TYR A 51 0.32 -5.38 4.87
N ILE A 52 0.39 -5.95 6.06
CA ILE A 52 1.59 -6.60 6.54
C ILE A 52 1.92 -7.83 5.70
N ALA A 53 0.90 -8.57 5.29
CA ALA A 53 1.11 -9.75 4.45
C ALA A 53 1.66 -9.33 3.10
N MET A 54 1.09 -8.26 2.55
CA MET A 54 1.53 -7.72 1.28
C MET A 54 2.98 -7.28 1.38
N GLY A 55 3.27 -6.52 2.44
CA GLY A 55 4.61 -6.03 2.66
C GLY A 55 5.62 -7.15 2.80
N GLN A 56 5.26 -8.19 3.53
CA GLN A 56 6.14 -9.33 3.73
C GLN A 56 6.36 -10.07 2.41
N ARG A 57 5.29 -10.24 1.64
CA ARG A 57 5.37 -10.92 0.35
C ARG A 57 6.25 -10.14 -0.62
N MET A 58 6.31 -8.83 -0.42
CA MET A 58 7.12 -7.96 -1.27
C MET A 58 8.61 -8.12 -0.96
N PHE A 59 8.90 -8.80 0.14
CA PHE A 59 10.28 -9.04 0.55
C PHE A 59 10.45 -10.52 0.86
N GLU A 60 9.60 -11.34 0.24
CA GLU A 60 9.63 -12.78 0.42
C GLU A 60 10.17 -13.45 -0.83
N ASP A 61 10.34 -12.63 -1.83
CA ASP A 61 10.82 -13.05 -3.14
C ASP A 61 10.84 -11.86 -4.08
N LEU A 62 12.04 -11.47 -4.46
CA LEU A 62 12.25 -10.36 -5.36
C LEU A 62 12.89 -10.85 -6.65
N PHE A 63 12.60 -12.11 -6.99
CA PHE A 63 13.14 -12.76 -8.18
C PHE A 63 14.66 -12.86 -8.08
N GLU A 64 15.10 -13.62 -7.08
CA GLU A 64 16.52 -13.82 -6.84
C GLU A 64 16.92 -15.24 -7.21
N GLU A 3 11.26 8.17 -11.62
CA GLU A 3 11.44 9.56 -11.15
C GLU A 3 10.12 10.33 -11.27
N GLU A 4 10.12 11.57 -10.82
CA GLU A 4 8.94 12.42 -10.87
C GLU A 4 9.13 13.57 -11.85
N ASP A 5 10.38 14.02 -11.99
CA ASP A 5 10.74 15.12 -12.88
C ASP A 5 10.07 16.43 -12.45
N GLU A 6 10.59 16.99 -11.35
CA GLU A 6 10.09 18.25 -10.80
C GLU A 6 8.67 18.11 -10.26
N GLU A 7 8.29 16.85 -9.98
CA GLU A 7 6.96 16.51 -9.46
C GLU A 7 5.84 16.79 -10.48
N GLU A 8 5.58 18.08 -10.72
CA GLU A 8 4.54 18.53 -11.65
C GLU A 8 3.14 18.17 -11.16
N ASP A 9 2.12 18.58 -11.90
CA ASP A 9 0.73 18.32 -11.53
C ASP A 9 0.26 17.01 -12.14
N ASP A 10 0.84 15.92 -11.66
CA ASP A 10 0.49 14.57 -12.13
C ASP A 10 1.04 13.56 -11.12
N GLU A 11 1.33 12.34 -11.56
CA GLU A 11 1.87 11.33 -10.69
C GLU A 11 3.31 11.67 -10.35
N PHE A 12 3.70 11.42 -9.12
CA PHE A 12 5.03 11.74 -8.65
C PHE A 12 6.00 10.57 -8.84
N GLU A 13 5.72 9.76 -9.85
CA GLU A 13 6.54 8.61 -10.17
C GLU A 13 6.14 8.04 -11.52
N GLU A 14 7.07 7.41 -12.21
CA GLU A 14 6.79 6.82 -13.52
C GLU A 14 6.21 5.42 -13.36
N VAL A 15 5.98 5.06 -12.12
CA VAL A 15 5.43 3.76 -11.78
C VAL A 15 4.16 3.95 -10.96
N ALA A 16 3.07 4.28 -11.65
CA ALA A 16 1.79 4.50 -10.99
C ALA A 16 1.09 3.17 -10.71
N ASP A 17 1.61 2.44 -9.73
CA ASP A 17 1.05 1.14 -9.35
C ASP A 17 1.18 0.95 -7.84
N ASP A 18 0.19 1.44 -7.12
CA ASP A 18 0.17 1.31 -5.68
C ASP A 18 -1.05 0.51 -5.24
N PRO A 19 -0.85 -0.48 -4.35
CA PRO A 19 -1.92 -1.31 -3.85
C PRO A 19 -2.71 -0.55 -2.80
N ILE A 20 -3.95 -0.21 -3.11
CA ILE A 20 -4.77 0.53 -2.17
C ILE A 20 -5.07 -0.35 -0.97
N VAL A 21 -4.61 0.10 0.19
CA VAL A 21 -4.76 -0.62 1.42
C VAL A 21 -5.70 0.15 2.34
N MET A 22 -6.58 -0.58 3.02
CA MET A 22 -7.55 0.03 3.88
C MET A 22 -6.99 0.21 5.28
N VAL A 23 -7.12 1.42 5.78
CA VAL A 23 -6.70 1.75 7.13
C VAL A 23 -7.87 2.41 7.86
N ALA A 24 -8.34 1.74 8.89
CA ALA A 24 -9.45 2.21 9.70
C ALA A 24 -10.72 2.30 8.86
N GLY A 25 -10.77 1.51 7.79
CA GLY A 25 -11.93 1.48 6.93
C GLY A 25 -11.84 2.46 5.78
N ARG A 26 -10.76 3.21 5.73
CA ARG A 26 -10.58 4.18 4.66
C ARG A 26 -9.47 3.70 3.72
N PRO A 27 -9.66 3.88 2.40
CA PRO A 27 -8.68 3.44 1.41
C PRO A 27 -7.57 4.46 1.15
N PHE A 28 -6.34 4.08 1.44
CA PHE A 28 -5.18 4.93 1.20
C PHE A 28 -4.16 4.16 0.40
N SER A 29 -3.06 4.79 0.06
CA SER A 29 -2.01 4.14 -0.69
C SER A 29 -1.13 3.29 0.21
N TYR A 30 -0.68 2.16 -0.29
CA TYR A 30 0.17 1.27 0.48
C TYR A 30 1.52 1.92 0.74
N SER A 31 2.01 2.67 -0.24
CA SER A 31 3.29 3.38 -0.11
C SER A 31 3.22 4.35 1.06
N GLU A 32 2.01 4.82 1.33
CA GLU A 32 1.76 5.72 2.44
C GLU A 32 1.81 4.98 3.76
N VAL A 33 0.93 4.01 3.91
CA VAL A 33 0.80 3.23 5.14
C VAL A 33 2.11 2.58 5.60
N SER A 34 2.97 2.20 4.66
CA SER A 34 4.23 1.57 5.03
C SER A 34 5.17 2.55 5.71
N GLN A 35 4.93 3.83 5.50
CA GLN A 35 5.73 4.87 6.11
C GLN A 35 4.87 5.70 7.07
N ARG A 36 3.61 5.31 7.20
CA ARG A 36 2.67 6.01 8.05
C ARG A 36 2.30 5.18 9.26
N PRO A 37 2.85 5.53 10.43
CA PRO A 37 2.55 4.82 11.67
C PRO A 37 1.12 5.07 12.12
N GLU A 38 0.65 6.31 11.97
CA GLU A 38 -0.69 6.70 12.39
C GLU A 38 -1.73 5.81 11.73
N LEU A 39 -1.33 5.23 10.62
CA LEU A 39 -2.21 4.39 9.84
C LEU A 39 -2.15 2.93 10.25
N VAL A 40 -0.97 2.33 10.22
CA VAL A 40 -0.85 0.92 10.58
C VAL A 40 -1.31 0.69 12.02
N ALA A 41 -1.10 1.68 12.88
CA ALA A 41 -1.51 1.58 14.27
C ALA A 41 -3.02 1.71 14.40
N GLN A 42 -3.66 2.22 13.35
CA GLN A 42 -5.10 2.39 13.31
C GLN A 42 -5.71 1.19 12.61
N MET A 43 -4.88 0.49 11.84
CA MET A 43 -5.30 -0.69 11.10
C MET A 43 -5.89 -1.75 12.01
N THR A 44 -7.01 -2.31 11.59
CA THR A 44 -7.65 -3.38 12.34
C THR A 44 -6.86 -4.66 12.08
N PRO A 45 -7.15 -5.74 12.83
CA PRO A 45 -6.45 -7.02 12.62
C PRO A 45 -6.46 -7.42 11.15
N GLU A 46 -7.63 -7.33 10.53
CA GLU A 46 -7.79 -7.67 9.12
C GLU A 46 -6.96 -6.77 8.23
N GLU A 47 -7.04 -5.46 8.47
CA GLU A 47 -6.30 -4.48 7.68
C GLU A 47 -4.80 -4.64 7.83
N LYS A 48 -4.33 -4.66 9.07
CA LYS A 48 -2.90 -4.78 9.34
C LYS A 48 -2.34 -6.06 8.74
N GLU A 49 -2.99 -7.17 9.01
CA GLU A 49 -2.54 -8.46 8.51
C GLU A 49 -2.54 -8.48 6.98
N ALA A 50 -3.43 -7.70 6.36
CA ALA A 50 -3.50 -7.62 4.91
C ALA A 50 -2.32 -6.83 4.37
N TYR A 51 -2.08 -5.67 4.95
CA TYR A 51 -0.99 -4.79 4.55
C TYR A 51 0.36 -5.45 4.86
N ILE A 52 0.44 -6.01 6.06
CA ILE A 52 1.63 -6.67 6.54
C ILE A 52 1.95 -7.90 5.70
N ALA A 53 0.92 -8.63 5.30
CA ALA A 53 1.11 -9.82 4.48
C ALA A 53 1.59 -9.41 3.08
N MET A 54 1.01 -8.33 2.57
CA MET A 54 1.38 -7.81 1.26
C MET A 54 2.85 -7.43 1.25
N GLY A 55 3.26 -6.68 2.26
CA GLY A 55 4.64 -6.25 2.38
C GLY A 55 5.60 -7.42 2.48
N GLN A 56 5.22 -8.43 3.25
CA GLN A 56 6.05 -9.61 3.42
C GLN A 56 6.23 -10.34 2.09
N ARG A 57 5.16 -10.37 1.29
CA ARG A 57 5.21 -11.03 0.00
C ARG A 57 5.94 -10.18 -1.04
N MET A 58 6.32 -8.97 -0.65
CA MET A 58 7.04 -8.07 -1.54
C MET A 58 8.53 -8.21 -1.33
N PHE A 59 8.91 -8.95 -0.29
CA PHE A 59 10.31 -9.18 0.02
C PHE A 59 10.83 -10.45 -0.64
N GLU A 60 10.52 -10.61 -1.92
CA GLU A 60 10.94 -11.77 -2.68
C GLU A 60 12.23 -11.45 -3.43
N ASP A 61 12.88 -10.39 -2.98
CA ASP A 61 14.12 -9.91 -3.56
C ASP A 61 14.81 -9.01 -2.55
N LEU A 62 15.80 -9.55 -1.87
CA LEU A 62 16.54 -8.80 -0.86
C LEU A 62 17.81 -8.19 -1.46
N PHE A 63 18.04 -6.93 -1.14
CA PHE A 63 19.21 -6.21 -1.63
C PHE A 63 19.88 -5.45 -0.50
N GLU A 64 19.45 -5.75 0.72
CA GLU A 64 19.98 -5.11 1.92
C GLU A 64 21.20 -5.88 2.43
N GLU A 3 -9.87 5.90 -18.83
CA GLU A 3 -10.44 7.24 -19.09
C GLU A 3 -11.66 7.47 -18.20
N GLU A 4 -11.42 7.44 -16.90
CA GLU A 4 -12.49 7.61 -15.93
C GLU A 4 -12.75 9.09 -15.66
N ASP A 5 -11.67 9.84 -15.44
CA ASP A 5 -11.77 11.27 -15.17
C ASP A 5 -10.45 11.95 -15.44
N GLU A 6 -10.52 13.20 -15.86
CA GLU A 6 -9.34 13.99 -16.16
C GLU A 6 -9.61 15.47 -15.93
N GLU A 7 -10.70 15.76 -15.22
CA GLU A 7 -11.09 17.14 -14.95
C GLU A 7 -10.92 17.50 -13.48
N GLU A 8 -11.15 16.54 -12.59
CA GLU A 8 -11.03 16.78 -11.16
C GLU A 8 -9.59 16.54 -10.68
N ASP A 9 -9.40 16.62 -9.37
CA ASP A 9 -8.08 16.41 -8.77
C ASP A 9 -7.78 14.92 -8.68
N ASP A 10 -6.75 14.55 -7.93
CA ASP A 10 -6.36 13.15 -7.80
C ASP A 10 -7.29 12.40 -6.84
N GLU A 11 -8.17 11.62 -7.44
CA GLU A 11 -9.11 10.79 -6.69
C GLU A 11 -8.89 9.34 -7.06
N PHE A 12 -7.65 9.04 -7.47
CA PHE A 12 -7.27 7.69 -7.89
C PHE A 12 -8.10 7.24 -9.08
N GLU A 13 -7.92 7.92 -10.20
CA GLU A 13 -8.67 7.63 -11.42
C GLU A 13 -8.18 6.34 -12.06
N GLU A 14 -6.99 6.36 -12.65
CA GLU A 14 -6.44 5.19 -13.29
C GLU A 14 -4.93 5.11 -13.10
N VAL A 15 -4.41 6.00 -12.28
CA VAL A 15 -2.98 6.02 -11.99
C VAL A 15 -2.71 5.32 -10.66
N ALA A 16 -3.69 4.55 -10.22
CA ALA A 16 -3.60 3.82 -8.97
C ALA A 16 -2.80 2.53 -9.13
N ASP A 17 -1.50 2.68 -9.32
CA ASP A 17 -0.59 1.54 -9.46
C ASP A 17 -0.32 0.94 -8.08
N ASP A 18 -0.25 1.82 -7.10
CA ASP A 18 -0.02 1.45 -5.71
C ASP A 18 -1.23 0.68 -5.17
N PRO A 19 -0.99 -0.36 -4.36
CA PRO A 19 -2.06 -1.17 -3.79
C PRO A 19 -2.86 -0.39 -2.76
N ILE A 20 -4.10 -0.07 -3.10
CA ILE A 20 -4.94 0.67 -2.17
C ILE A 20 -5.24 -0.21 -0.97
N VAL A 21 -4.73 0.22 0.17
CA VAL A 21 -4.85 -0.51 1.40
C VAL A 21 -5.82 0.22 2.33
N MET A 22 -6.68 -0.51 2.99
CA MET A 22 -7.67 0.09 3.86
C MET A 22 -7.11 0.26 5.26
N VAL A 23 -7.25 1.47 5.77
CA VAL A 23 -6.81 1.79 7.11
C VAL A 23 -7.98 2.41 7.87
N ALA A 24 -8.47 1.67 8.85
CA ALA A 24 -9.59 2.08 9.68
C ALA A 24 -10.86 2.18 8.85
N GLY A 25 -10.92 1.39 7.78
CA GLY A 25 -12.10 1.37 6.93
C GLY A 25 -12.00 2.34 5.77
N ARG A 26 -10.94 3.13 5.75
CA ARG A 26 -10.75 4.10 4.69
C ARG A 26 -9.58 3.67 3.81
N PRO A 27 -9.79 3.60 2.50
CA PRO A 27 -8.76 3.17 1.55
C PRO A 27 -7.75 4.27 1.19
N PHE A 28 -6.50 4.03 1.50
CA PHE A 28 -5.43 4.96 1.17
C PHE A 28 -4.36 4.21 0.38
N SER A 29 -3.28 4.88 0.05
CA SER A 29 -2.21 4.25 -0.69
C SER A 29 -1.35 3.40 0.25
N TYR A 30 -0.90 2.24 -0.23
CA TYR A 30 -0.09 1.35 0.56
C TYR A 30 1.23 2.00 0.94
N SER A 31 1.83 2.70 -0.02
CA SER A 31 3.09 3.38 0.21
C SER A 31 2.94 4.44 1.30
N GLU A 32 1.75 5.01 1.37
CA GLU A 32 1.44 6.02 2.35
C GLU A 32 1.31 5.39 3.75
N VAL A 33 0.71 4.21 3.81
CA VAL A 33 0.53 3.51 5.08
C VAL A 33 1.84 2.92 5.59
N SER A 34 2.72 2.51 4.69
CA SER A 34 3.99 1.93 5.09
C SER A 34 4.91 3.00 5.66
N GLN A 35 4.58 4.25 5.39
CA GLN A 35 5.35 5.37 5.89
C GLN A 35 4.64 6.02 7.06
N ARG A 36 3.36 5.69 7.24
CA ARG A 36 2.56 6.25 8.32
C ARG A 36 2.19 5.21 9.37
N PRO A 37 2.96 5.12 10.46
CA PRO A 37 2.67 4.19 11.54
C PRO A 37 1.31 4.48 12.17
N GLU A 38 0.94 5.77 12.24
CA GLU A 38 -0.33 6.18 12.85
C GLU A 38 -1.50 5.48 12.17
N LEU A 39 -1.24 5.05 10.95
CA LEU A 39 -2.24 4.39 10.14
C LEU A 39 -2.24 2.90 10.38
N VAL A 40 -1.07 2.29 10.36
CA VAL A 40 -0.98 0.86 10.59
C VAL A 40 -1.47 0.54 12.00
N ALA A 41 -1.24 1.47 12.92
CA ALA A 41 -1.69 1.32 14.30
C ALA A 41 -3.21 1.52 14.38
N GLN A 42 -3.76 2.07 13.31
CA GLN A 42 -5.19 2.30 13.21
C GLN A 42 -5.84 1.12 12.53
N MET A 43 -5.04 0.41 11.74
CA MET A 43 -5.47 -0.77 11.00
C MET A 43 -6.06 -1.83 11.91
N THR A 44 -7.17 -2.41 11.49
CA THR A 44 -7.80 -3.48 12.22
C THR A 44 -6.99 -4.76 11.96
N PRO A 45 -7.25 -5.85 12.71
CA PRO A 45 -6.54 -7.11 12.49
C PRO A 45 -6.55 -7.50 11.02
N GLU A 46 -7.71 -7.42 10.40
CA GLU A 46 -7.87 -7.75 8.99
C GLU A 46 -7.04 -6.82 8.10
N GLU A 47 -7.12 -5.52 8.37
CA GLU A 47 -6.38 -4.54 7.58
C GLU A 47 -4.87 -4.69 7.73
N LYS A 48 -4.40 -4.72 8.98
CA LYS A 48 -2.97 -4.85 9.25
C LYS A 48 -2.42 -6.11 8.63
N GLU A 49 -3.09 -7.23 8.86
CA GLU A 49 -2.65 -8.51 8.33
C GLU A 49 -2.61 -8.49 6.81
N ALA A 50 -3.49 -7.71 6.19
CA ALA A 50 -3.54 -7.61 4.73
C ALA A 50 -2.35 -6.77 4.24
N TYR A 51 -2.14 -5.63 4.87
CA TYR A 51 -1.06 -4.73 4.52
C TYR A 51 0.29 -5.37 4.82
N ILE A 52 0.36 -5.98 5.99
CA ILE A 52 1.56 -6.65 6.46
C ILE A 52 1.88 -7.87 5.59
N ALA A 53 0.85 -8.58 5.16
CA ALA A 53 1.05 -9.75 4.30
C ALA A 53 1.62 -9.30 2.95
N MET A 54 1.11 -8.17 2.47
CA MET A 54 1.58 -7.60 1.21
C MET A 54 3.03 -7.18 1.35
N GLY A 55 3.32 -6.47 2.44
CA GLY A 55 4.66 -6.00 2.70
C GLY A 55 5.66 -7.14 2.78
N GLN A 56 5.28 -8.19 3.49
CA GLN A 56 6.14 -9.37 3.63
C GLN A 56 6.45 -9.98 2.28
N ARG A 57 5.41 -10.29 1.52
CA ARG A 57 5.56 -10.90 0.20
C ARG A 57 6.40 -10.03 -0.73
N MET A 58 6.31 -8.72 -0.54
CA MET A 58 7.06 -7.78 -1.37
C MET A 58 8.56 -7.89 -1.08
N PHE A 59 8.90 -8.47 0.05
CA PHE A 59 10.30 -8.63 0.44
C PHE A 59 10.66 -10.09 0.65
N GLU A 60 9.85 -10.96 0.07
CA GLU A 60 10.08 -12.40 0.18
C GLU A 60 10.50 -12.99 -1.15
N ASP A 61 10.56 -12.13 -2.14
CA ASP A 61 10.93 -12.52 -3.49
C ASP A 61 12.22 -11.82 -3.89
N LEU A 62 13.10 -11.65 -2.91
CA LEU A 62 14.37 -11.00 -3.13
C LEU A 62 15.40 -12.01 -3.60
N PHE A 63 16.32 -11.58 -4.44
CA PHE A 63 17.36 -12.44 -4.98
C PHE A 63 18.74 -11.86 -4.64
N GLU A 64 18.73 -10.83 -3.82
CA GLU A 64 19.96 -10.16 -3.40
C GLU A 64 20.12 -10.25 -1.89
N GLU A 3 -3.33 7.37 -14.02
CA GLU A 3 -3.50 7.38 -15.49
C GLU A 3 -2.14 7.47 -16.18
N GLU A 4 -2.03 6.78 -17.31
CA GLU A 4 -0.81 6.77 -18.11
C GLU A 4 -1.14 6.56 -19.57
N ASP A 5 -1.84 7.54 -20.14
CA ASP A 5 -2.25 7.50 -21.54
C ASP A 5 -1.13 7.94 -22.47
N GLU A 6 0.10 7.65 -22.09
CA GLU A 6 1.26 8.01 -22.90
C GLU A 6 1.57 6.93 -23.92
N GLU A 7 0.86 5.81 -23.81
CA GLU A 7 1.02 4.67 -24.72
C GLU A 7 2.42 4.07 -24.63
N GLU A 8 2.82 3.35 -25.68
CA GLU A 8 4.13 2.70 -25.77
C GLU A 8 4.23 1.53 -24.79
N ASP A 9 4.39 1.85 -23.51
CA ASP A 9 4.50 0.84 -22.46
C ASP A 9 3.69 1.27 -21.25
N ASP A 10 2.53 0.66 -21.09
CA ASP A 10 1.64 1.00 -19.98
C ASP A 10 0.90 -0.24 -19.51
N GLU A 11 0.28 -0.14 -18.34
CA GLU A 11 -0.47 -1.26 -17.77
C GLU A 11 -1.96 -0.97 -17.85
N PHE A 12 -2.46 -0.85 -19.09
CA PHE A 12 -3.88 -0.60 -19.35
C PHE A 12 -4.27 0.81 -18.88
N GLU A 13 -3.42 1.78 -19.23
CA GLU A 13 -3.58 3.20 -18.89
C GLU A 13 -3.66 3.48 -17.39
N GLU A 14 -3.45 2.45 -16.57
CA GLU A 14 -3.47 2.61 -15.12
C GLU A 14 -2.75 1.46 -14.44
N VAL A 15 -1.46 1.67 -14.19
CA VAL A 15 -0.62 0.67 -13.54
C VAL A 15 -1.06 0.42 -12.10
N ALA A 16 -1.01 -0.84 -11.68
CA ALA A 16 -1.39 -1.20 -10.33
C ALA A 16 -0.15 -1.44 -9.48
N ASP A 17 0.72 -0.45 -9.42
CA ASP A 17 1.96 -0.54 -8.66
C ASP A 17 1.69 -0.41 -7.16
N ASP A 18 0.90 0.59 -6.80
CA ASP A 18 0.55 0.79 -5.39
C ASP A 18 -0.79 0.13 -5.09
N PRO A 19 -0.77 -0.85 -4.18
CA PRO A 19 -1.96 -1.55 -3.76
C PRO A 19 -2.73 -0.73 -2.74
N ILE A 20 -3.94 -0.35 -3.08
CA ILE A 20 -4.75 0.45 -2.17
C ILE A 20 -5.10 -0.38 -0.95
N VAL A 21 -4.60 0.07 0.19
CA VAL A 21 -4.78 -0.63 1.44
C VAL A 21 -5.74 0.14 2.35
N MET A 22 -6.55 -0.61 3.09
CA MET A 22 -7.52 -0.02 3.98
C MET A 22 -6.93 0.21 5.35
N VAL A 23 -7.05 1.43 5.82
CA VAL A 23 -6.60 1.79 7.15
C VAL A 23 -7.75 2.47 7.88
N ALA A 24 -8.27 1.78 8.88
CA ALA A 24 -9.38 2.27 9.69
C ALA A 24 -10.63 2.39 8.84
N GLY A 25 -10.71 1.58 7.78
CA GLY A 25 -11.88 1.60 6.91
C GLY A 25 -11.78 2.65 5.82
N ARG A 26 -10.60 3.21 5.66
CA ARG A 26 -10.38 4.22 4.64
C ARG A 26 -9.28 3.74 3.69
N PRO A 27 -9.52 3.86 2.38
CA PRO A 27 -8.57 3.40 1.37
C PRO A 27 -7.49 4.43 1.02
N PHE A 28 -6.25 4.11 1.36
CA PHE A 28 -5.12 4.96 1.03
C PHE A 28 -4.10 4.14 0.27
N SER A 29 -3.05 4.79 -0.21
CA SER A 29 -2.00 4.09 -0.92
C SER A 29 -1.15 3.27 0.05
N TYR A 30 -0.67 2.13 -0.39
CA TYR A 30 0.14 1.27 0.45
C TYR A 30 1.46 1.96 0.79
N SER A 31 2.02 2.67 -0.18
CA SER A 31 3.28 3.38 0.02
C SER A 31 3.12 4.46 1.10
N GLU A 32 1.87 4.85 1.33
CA GLU A 32 1.55 5.86 2.32
C GLU A 32 1.50 5.24 3.71
N VAL A 33 0.81 4.11 3.84
CA VAL A 33 0.68 3.43 5.12
C VAL A 33 2.02 2.95 5.66
N SER A 34 2.90 2.50 4.78
CA SER A 34 4.21 2.03 5.21
C SER A 34 5.05 3.17 5.77
N GLN A 35 4.71 4.39 5.38
CA GLN A 35 5.42 5.57 5.85
C GLN A 35 4.68 6.23 7.00
N ARG A 36 3.45 5.78 7.24
CA ARG A 36 2.63 6.33 8.30
C ARG A 36 2.29 5.28 9.36
N PRO A 37 3.10 5.21 10.41
CA PRO A 37 2.88 4.27 11.51
C PRO A 37 1.51 4.49 12.16
N GLU A 38 1.10 5.74 12.30
CA GLU A 38 -0.18 6.07 12.93
C GLU A 38 -1.32 5.34 12.24
N LEU A 39 -1.08 5.00 10.99
CA LEU A 39 -2.05 4.31 10.17
C LEU A 39 -2.03 2.83 10.42
N VAL A 40 -0.86 2.22 10.36
CA VAL A 40 -0.74 0.79 10.61
C VAL A 40 -1.21 0.48 12.02
N ALA A 41 -0.99 1.41 12.94
CA ALA A 41 -1.41 1.25 14.32
C ALA A 41 -2.93 1.38 14.45
N GLN A 42 -3.54 2.01 13.45
CA GLN A 42 -4.98 2.18 13.41
C GLN A 42 -5.63 1.02 12.68
N MET A 43 -4.80 0.34 11.89
CA MET A 43 -5.23 -0.82 11.12
C MET A 43 -5.82 -1.90 11.99
N THR A 44 -6.97 -2.42 11.59
CA THR A 44 -7.61 -3.49 12.30
C THR A 44 -6.85 -4.79 12.00
N PRO A 45 -7.12 -5.89 12.72
CA PRO A 45 -6.45 -7.16 12.46
C PRO A 45 -6.51 -7.53 10.97
N GLU A 46 -7.69 -7.38 10.38
CA GLU A 46 -7.90 -7.67 8.97
C GLU A 46 -7.05 -6.75 8.09
N GLU A 47 -7.07 -5.46 8.40
CA GLU A 47 -6.33 -4.47 7.63
C GLU A 47 -4.83 -4.67 7.73
N LYS A 48 -4.31 -4.73 8.95
CA LYS A 48 -2.88 -4.88 9.17
C LYS A 48 -2.38 -6.18 8.55
N GLU A 49 -3.08 -7.28 8.79
CA GLU A 49 -2.67 -8.56 8.27
C GLU A 49 -2.67 -8.56 6.74
N ALA A 50 -3.57 -7.77 6.15
CA ALA A 50 -3.65 -7.67 4.69
C ALA A 50 -2.48 -6.86 4.17
N TYR A 51 -2.25 -5.73 4.81
CA TYR A 51 -1.16 -4.83 4.45
C TYR A 51 0.19 -5.50 4.66
N ILE A 52 0.32 -6.11 5.82
CA ILE A 52 1.53 -6.79 6.22
C ILE A 52 1.79 -8.00 5.33
N ALA A 53 0.72 -8.68 4.92
CA ALA A 53 0.85 -9.84 4.04
C ALA A 53 1.36 -9.40 2.66
N MET A 54 0.85 -8.26 2.20
CA MET A 54 1.26 -7.71 0.91
C MET A 54 2.67 -7.19 0.99
N GLY A 55 2.98 -6.53 2.10
CA GLY A 55 4.31 -5.97 2.31
C GLY A 55 5.39 -7.03 2.32
N GLN A 56 5.10 -8.16 2.97
CA GLN A 56 6.06 -9.26 3.04
C GLN A 56 6.49 -9.71 1.64
N ARG A 57 5.53 -9.75 0.72
CA ARG A 57 5.80 -10.18 -0.65
C ARG A 57 6.75 -9.21 -1.35
N MET A 58 6.88 -8.02 -0.80
CA MET A 58 7.76 -7.01 -1.37
C MET A 58 9.09 -6.97 -0.65
N PHE A 59 9.18 -7.67 0.47
CA PHE A 59 10.42 -7.70 1.25
C PHE A 59 10.97 -9.11 1.33
N GLU A 60 10.51 -9.96 0.43
CA GLU A 60 10.96 -11.34 0.40
C GLU A 60 12.08 -11.50 -0.63
N ASP A 61 12.64 -10.37 -1.01
CA ASP A 61 13.73 -10.31 -1.97
C ASP A 61 14.55 -9.06 -1.71
N LEU A 62 15.62 -9.23 -0.97
CA LEU A 62 16.50 -8.11 -0.63
C LEU A 62 17.50 -7.84 -1.75
N PHE A 63 17.02 -7.20 -2.80
CA PHE A 63 17.86 -6.86 -3.94
C PHE A 63 18.43 -5.46 -3.77
N GLU A 64 19.60 -5.37 -3.14
CA GLU A 64 20.25 -4.11 -2.90
C GLU A 64 21.65 -4.13 -3.50
N GLU A 3 18.73 8.43 -12.68
CA GLU A 3 18.79 8.80 -14.11
C GLU A 3 17.43 9.28 -14.60
N GLU A 4 16.41 8.94 -13.84
CA GLU A 4 15.04 9.30 -14.14
C GLU A 4 14.74 10.69 -13.60
N ASP A 5 15.74 11.27 -12.96
CA ASP A 5 15.65 12.59 -12.37
C ASP A 5 15.74 13.67 -13.44
N GLU A 6 14.65 13.83 -14.18
CA GLU A 6 14.57 14.81 -15.24
C GLU A 6 13.11 14.96 -15.68
N GLU A 7 12.52 16.09 -15.32
CA GLU A 7 11.13 16.41 -15.64
C GLU A 7 10.17 15.64 -14.72
N GLU A 8 8.95 16.12 -14.60
CA GLU A 8 7.94 15.51 -13.76
C GLU A 8 7.34 14.26 -14.44
N ASP A 9 7.53 13.12 -13.81
CA ASP A 9 7.02 11.85 -14.31
C ASP A 9 6.91 10.85 -13.16
N ASP A 10 6.46 11.34 -12.00
CA ASP A 10 6.28 10.53 -10.79
C ASP A 10 7.63 10.18 -10.16
N GLU A 11 7.59 9.45 -9.05
CA GLU A 11 8.79 9.05 -8.35
C GLU A 11 8.97 7.54 -8.43
N PHE A 12 8.16 6.92 -9.27
CA PHE A 12 8.21 5.48 -9.44
C PHE A 12 8.93 5.14 -10.74
N GLU A 13 10.13 4.57 -10.60
CA GLU A 13 10.94 4.18 -11.75
C GLU A 13 10.27 3.03 -12.52
N GLU A 14 9.89 1.98 -11.81
CA GLU A 14 9.22 0.84 -12.42
C GLU A 14 8.16 0.26 -11.51
N VAL A 15 8.16 0.75 -10.28
CA VAL A 15 7.21 0.30 -9.27
C VAL A 15 5.97 1.19 -9.29
N ALA A 16 5.54 1.56 -10.48
CA ALA A 16 4.38 2.42 -10.66
C ALA A 16 3.08 1.64 -10.49
N ASP A 17 2.87 1.11 -9.30
CA ASP A 17 1.69 0.32 -8.97
C ASP A 17 1.55 0.25 -7.46
N ASP A 18 0.64 1.05 -6.93
CA ASP A 18 0.40 1.07 -5.50
C ASP A 18 -0.90 0.37 -5.16
N PRO A 19 -0.82 -0.67 -4.32
CA PRO A 19 -1.98 -1.42 -3.89
C PRO A 19 -2.75 -0.64 -2.83
N ILE A 20 -3.97 -0.28 -3.14
CA ILE A 20 -4.78 0.48 -2.19
C ILE A 20 -5.09 -0.38 -0.98
N VAL A 21 -4.69 0.11 0.18
CA VAL A 21 -4.86 -0.60 1.42
C VAL A 21 -5.81 0.17 2.33
N MET A 22 -6.64 -0.55 3.07
CA MET A 22 -7.61 0.06 3.93
C MET A 22 -7.06 0.28 5.33
N VAL A 23 -7.24 1.49 5.82
CA VAL A 23 -6.83 1.85 7.17
C VAL A 23 -8.02 2.43 7.91
N ALA A 24 -8.54 1.65 8.84
CA ALA A 24 -9.69 2.01 9.66
C ALA A 24 -10.94 2.15 8.80
N GLY A 25 -11.00 1.37 7.71
CA GLY A 25 -12.17 1.37 6.84
C GLY A 25 -12.07 2.37 5.71
N ARG A 26 -10.94 3.04 5.61
CA ARG A 26 -10.74 4.03 4.55
C ARG A 26 -9.64 3.56 3.61
N PRO A 27 -9.77 3.85 2.31
CA PRO A 27 -8.80 3.43 1.31
C PRO A 27 -7.70 4.46 1.03
N PHE A 28 -6.46 4.08 1.30
CA PHE A 28 -5.31 4.94 1.05
C PHE A 28 -4.26 4.14 0.29
N SER A 29 -3.20 4.81 -0.11
CA SER A 29 -2.13 4.15 -0.84
C SER A 29 -1.30 3.30 0.13
N TYR A 30 -0.84 2.14 -0.33
CA TYR A 30 -0.05 1.25 0.51
C TYR A 30 1.25 1.91 0.92
N SER A 31 1.87 2.62 -0.02
CA SER A 31 3.12 3.33 0.26
C SER A 31 2.92 4.29 1.42
N GLU A 32 1.80 5.02 1.37
CA GLU A 32 1.45 5.97 2.41
C GLU A 32 1.35 5.29 3.77
N VAL A 33 0.61 4.19 3.83
CA VAL A 33 0.42 3.46 5.09
C VAL A 33 1.73 2.87 5.59
N SER A 34 2.59 2.45 4.68
CA SER A 34 3.87 1.87 5.05
C SER A 34 4.78 2.92 5.70
N GLN A 35 4.57 4.18 5.33
CA GLN A 35 5.37 5.26 5.88
C GLN A 35 4.62 5.97 7.01
N ARG A 36 3.37 5.57 7.22
CA ARG A 36 2.55 6.17 8.26
C ARG A 36 2.16 5.16 9.33
N PRO A 37 2.95 5.07 10.41
CA PRO A 37 2.66 4.16 11.51
C PRO A 37 1.31 4.45 12.14
N GLU A 38 0.95 5.73 12.25
CA GLU A 38 -0.32 6.13 12.88
C GLU A 38 -1.48 5.45 12.18
N LEU A 39 -1.25 5.08 10.94
CA LEU A 39 -2.27 4.44 10.13
C LEU A 39 -2.31 2.95 10.37
N VAL A 40 -1.14 2.32 10.36
CA VAL A 40 -1.08 0.87 10.59
C VAL A 40 -1.58 0.57 12.00
N ALA A 41 -1.34 1.50 12.92
CA ALA A 41 -1.79 1.36 14.29
C ALA A 41 -3.30 1.60 14.38
N GLN A 42 -3.84 2.16 13.31
CA GLN A 42 -5.27 2.43 13.19
C GLN A 42 -5.94 1.26 12.49
N MET A 43 -5.14 0.51 11.75
CA MET A 43 -5.59 -0.67 11.03
C MET A 43 -6.19 -1.72 11.95
N THR A 44 -7.24 -2.35 11.49
CA THR A 44 -7.87 -3.42 12.25
C THR A 44 -7.04 -4.68 12.04
N PRO A 45 -7.29 -5.75 12.82
CA PRO A 45 -6.56 -7.01 12.66
C PRO A 45 -6.55 -7.49 11.21
N GLU A 46 -7.69 -7.35 10.54
CA GLU A 46 -7.83 -7.75 9.15
C GLU A 46 -7.01 -6.83 8.24
N GLU A 47 -7.14 -5.52 8.45
CA GLU A 47 -6.43 -4.53 7.64
C GLU A 47 -4.91 -4.66 7.80
N LYS A 48 -4.45 -4.67 9.04
CA LYS A 48 -3.02 -4.77 9.31
C LYS A 48 -2.44 -6.02 8.68
N GLU A 49 -3.05 -7.16 8.94
CA GLU A 49 -2.57 -8.42 8.39
C GLU A 49 -2.57 -8.39 6.86
N ALA A 50 -3.49 -7.64 6.27
CA ALA A 50 -3.56 -7.55 4.82
C ALA A 50 -2.39 -6.73 4.29
N TYR A 51 -2.13 -5.61 4.95
CA TYR A 51 -1.04 -4.72 4.59
C TYR A 51 0.32 -5.38 4.89
N ILE A 52 0.39 -5.98 6.06
CA ILE A 52 1.60 -6.65 6.51
C ILE A 52 1.91 -7.86 5.64
N ALA A 53 0.88 -8.57 5.19
CA ALA A 53 1.08 -9.72 4.31
C ALA A 53 1.60 -9.26 2.97
N MET A 54 1.08 -8.13 2.49
CA MET A 54 1.51 -7.56 1.23
C MET A 54 2.96 -7.14 1.32
N GLY A 55 3.29 -6.43 2.40
CA GLY A 55 4.66 -5.98 2.61
C GLY A 55 5.63 -7.13 2.66
N GLN A 56 5.27 -8.18 3.38
CA GLN A 56 6.12 -9.36 3.50
C GLN A 56 6.40 -9.97 2.13
N ARG A 57 5.33 -10.23 1.38
CA ARG A 57 5.46 -10.82 0.05
C ARG A 57 6.35 -9.99 -0.86
N MET A 58 6.31 -8.67 -0.70
CA MET A 58 7.12 -7.78 -1.52
C MET A 58 8.60 -7.93 -1.20
N PHE A 59 8.90 -8.51 -0.03
CA PHE A 59 10.29 -8.71 0.38
C PHE A 59 10.66 -10.18 0.40
N GLU A 60 9.80 -11.00 -0.18
CA GLU A 60 10.04 -12.44 -0.23
C GLU A 60 10.32 -12.88 -1.65
N ASP A 61 10.23 -11.94 -2.55
CA ASP A 61 10.46 -12.20 -3.96
C ASP A 61 11.73 -11.50 -4.43
N LEU A 62 12.62 -11.24 -3.48
CA LEU A 62 13.87 -10.57 -3.77
C LEU A 62 14.92 -11.59 -4.23
N PHE A 63 14.88 -11.92 -5.50
CA PHE A 63 15.82 -12.88 -6.08
C PHE A 63 16.85 -12.17 -6.94
N GLU A 64 16.53 -10.94 -7.31
CA GLU A 64 17.40 -10.13 -8.14
C GLU A 64 17.50 -8.73 -7.55
N GLU A 3 7.15 14.69 -10.81
CA GLU A 3 6.45 13.70 -11.64
C GLU A 3 5.02 13.53 -11.14
N GLU A 4 4.10 13.29 -12.06
CA GLU A 4 2.68 13.13 -11.72
C GLU A 4 2.15 14.37 -11.01
N ASP A 5 2.76 15.51 -11.35
CA ASP A 5 2.42 16.79 -10.76
C ASP A 5 2.24 17.85 -11.84
N GLU A 6 1.78 19.03 -11.45
CA GLU A 6 1.59 20.13 -12.37
C GLU A 6 2.10 21.42 -11.75
N GLU A 7 2.87 21.29 -10.67
CA GLU A 7 3.40 22.43 -9.96
C GLU A 7 4.92 22.53 -10.12
N GLU A 8 5.50 21.57 -10.84
CA GLU A 8 6.95 21.52 -11.09
C GLU A 8 7.70 21.21 -9.81
N ASP A 9 7.09 20.40 -8.96
CA ASP A 9 7.67 19.97 -7.70
C ASP A 9 7.19 18.57 -7.39
N ASP A 10 7.88 17.85 -6.52
CA ASP A 10 7.48 16.49 -6.23
C ASP A 10 7.77 16.08 -4.79
N GLU A 11 6.87 15.27 -4.26
CA GLU A 11 6.94 14.74 -2.91
C GLU A 11 5.90 13.63 -2.77
N PHE A 12 5.54 13.04 -3.91
CA PHE A 12 4.53 11.99 -3.93
C PHE A 12 4.70 11.11 -5.16
N GLU A 13 5.94 10.81 -5.50
CA GLU A 13 6.24 9.99 -6.67
C GLU A 13 6.05 8.50 -6.36
N GLU A 14 6.11 8.15 -5.07
CA GLU A 14 5.96 6.76 -4.64
C GLU A 14 4.47 6.33 -4.68
N VAL A 15 3.83 6.57 -5.82
CA VAL A 15 2.42 6.20 -6.00
C VAL A 15 2.23 5.49 -7.33
N ALA A 16 3.33 4.98 -7.86
CA ALA A 16 3.32 4.28 -9.13
C ALA A 16 2.79 2.86 -8.97
N ASP A 17 1.57 2.63 -9.45
CA ASP A 17 0.92 1.32 -9.38
C ASP A 17 0.83 0.84 -7.93
N ASP A 18 0.57 1.77 -7.03
CA ASP A 18 0.45 1.47 -5.61
C ASP A 18 -0.83 0.70 -5.31
N PRO A 19 -0.72 -0.36 -4.51
CA PRO A 19 -1.86 -1.18 -4.11
C PRO A 19 -2.61 -0.50 -2.98
N ILE A 20 -3.85 -0.13 -3.23
CA ILE A 20 -4.65 0.55 -2.23
C ILE A 20 -4.94 -0.37 -1.06
N VAL A 21 -4.54 0.07 0.12
CA VAL A 21 -4.70 -0.69 1.34
C VAL A 21 -5.72 0.00 2.25
N MET A 22 -6.45 -0.79 3.04
CA MET A 22 -7.47 -0.24 3.92
C MET A 22 -6.92 0.03 5.30
N VAL A 23 -7.15 1.25 5.77
CA VAL A 23 -6.76 1.65 7.10
C VAL A 23 -7.97 2.22 7.82
N ALA A 24 -8.50 1.45 8.75
CA ALA A 24 -9.66 1.80 9.54
C ALA A 24 -10.90 1.91 8.65
N GLY A 25 -10.91 1.14 7.57
CA GLY A 25 -12.06 1.12 6.67
C GLY A 25 -11.97 2.18 5.59
N ARG A 26 -10.82 2.81 5.47
CA ARG A 26 -10.61 3.83 4.47
C ARG A 26 -9.48 3.40 3.53
N PRO A 27 -9.64 3.64 2.23
CA PRO A 27 -8.64 3.26 1.24
C PRO A 27 -7.57 4.31 0.98
N PHE A 28 -6.33 3.97 1.27
CA PHE A 28 -5.19 4.86 1.02
C PHE A 28 -4.11 4.08 0.30
N SER A 29 -3.03 4.75 -0.05
CA SER A 29 -1.93 4.10 -0.74
C SER A 29 -1.14 3.22 0.23
N TYR A 30 -0.74 2.05 -0.23
CA TYR A 30 0.00 1.10 0.59
C TYR A 30 1.33 1.70 1.05
N SER A 31 2.05 2.31 0.11
CA SER A 31 3.33 2.93 0.42
C SER A 31 3.16 3.99 1.50
N GLU A 32 2.06 4.72 1.41
CA GLU A 32 1.74 5.77 2.35
C GLU A 32 1.56 5.19 3.76
N VAL A 33 0.90 4.04 3.84
CA VAL A 33 0.66 3.39 5.13
C VAL A 33 1.95 2.81 5.69
N SER A 34 2.85 2.39 4.81
CA SER A 34 4.12 1.81 5.23
C SER A 34 4.98 2.87 5.91
N GLN A 35 4.75 4.12 5.57
CA GLN A 35 5.49 5.22 6.16
C GLN A 35 4.68 5.93 7.23
N ARG A 36 3.41 5.54 7.36
CA ARG A 36 2.54 6.13 8.36
C ARG A 36 2.12 5.11 9.43
N PRO A 37 2.92 5.01 10.50
CA PRO A 37 2.62 4.09 11.59
C PRO A 37 1.25 4.41 12.22
N GLU A 38 0.89 5.69 12.29
CA GLU A 38 -0.38 6.11 12.88
C GLU A 38 -1.54 5.40 12.20
N LEU A 39 -1.30 4.99 10.98
CA LEU A 39 -2.29 4.33 10.16
C LEU A 39 -2.30 2.84 10.41
N VAL A 40 -1.14 2.23 10.43
CA VAL A 40 -1.05 0.80 10.66
C VAL A 40 -1.55 0.50 12.08
N ALA A 41 -1.35 1.46 12.97
CA ALA A 41 -1.80 1.33 14.35
C ALA A 41 -3.31 1.51 14.40
N GLN A 42 -3.85 2.08 13.33
CA GLN A 42 -5.28 2.31 13.19
C GLN A 42 -5.91 1.11 12.49
N MET A 43 -5.08 0.39 11.76
CA MET A 43 -5.50 -0.80 11.03
C MET A 43 -6.08 -1.84 11.97
N THR A 44 -7.21 -2.42 11.57
CA THR A 44 -7.83 -3.47 12.35
C THR A 44 -7.01 -4.75 12.19
N PRO A 45 -7.27 -5.79 12.99
CA PRO A 45 -6.55 -7.07 12.86
C PRO A 45 -6.54 -7.55 11.40
N GLU A 46 -7.70 -7.49 10.76
CA GLU A 46 -7.84 -7.91 9.37
C GLU A 46 -7.00 -7.04 8.46
N GLU A 47 -7.08 -5.72 8.65
CA GLU A 47 -6.33 -4.77 7.83
C GLU A 47 -4.83 -4.91 8.01
N LYS A 48 -4.38 -4.87 9.25
CA LYS A 48 -2.95 -4.98 9.54
C LYS A 48 -2.40 -6.28 9.01
N GLU A 49 -3.08 -7.38 9.30
CA GLU A 49 -2.62 -8.70 8.83
C GLU A 49 -2.59 -8.75 7.31
N ALA A 50 -3.43 -7.93 6.67
CA ALA A 50 -3.48 -7.90 5.22
C ALA A 50 -2.31 -7.07 4.68
N TYR A 51 -2.19 -5.85 5.22
CA TYR A 51 -1.12 -4.94 4.82
C TYR A 51 0.23 -5.54 5.13
N ILE A 52 0.34 -6.10 6.33
CA ILE A 52 1.56 -6.72 6.79
C ILE A 52 1.90 -7.95 5.94
N ALA A 53 0.87 -8.68 5.53
CA ALA A 53 1.07 -9.84 4.66
C ALA A 53 1.64 -9.37 3.33
N MET A 54 1.15 -8.22 2.88
CA MET A 54 1.60 -7.62 1.64
C MET A 54 3.04 -7.16 1.81
N GLY A 55 3.33 -6.60 2.98
CA GLY A 55 4.67 -6.12 3.28
C GLY A 55 5.72 -7.21 3.24
N GLN A 56 5.37 -8.39 3.70
CA GLN A 56 6.31 -9.51 3.71
C GLN A 56 6.35 -10.24 2.37
N ARG A 57 5.38 -9.95 1.51
CA ARG A 57 5.34 -10.58 0.19
C ARG A 57 5.95 -9.66 -0.85
N MET A 58 5.60 -8.38 -0.76
CA MET A 58 6.08 -7.39 -1.72
C MET A 58 7.35 -6.70 -1.23
N PHE A 59 7.40 -6.42 0.07
CA PHE A 59 8.54 -5.72 0.66
C PHE A 59 8.66 -4.35 -0.01
N GLU A 60 7.54 -3.63 0.00
CA GLU A 60 7.45 -2.30 -0.63
C GLU A 60 7.63 -2.42 -2.14
N ASP A 61 7.41 -3.64 -2.62
CA ASP A 61 7.53 -4.01 -4.03
C ASP A 61 8.83 -3.50 -4.64
N LEU A 62 9.92 -3.69 -3.89
CA LEU A 62 11.23 -3.25 -4.35
C LEU A 62 11.79 -4.24 -5.36
N PHE A 63 11.28 -4.15 -6.59
CA PHE A 63 11.72 -5.02 -7.67
C PHE A 63 12.24 -4.18 -8.83
N GLU A 64 13.55 -4.11 -8.96
CA GLU A 64 14.17 -3.35 -10.02
C GLU A 64 15.11 -4.25 -10.82
N GLU A 3 10.95 -3.85 -16.26
CA GLU A 3 10.83 -4.32 -17.66
C GLU A 3 10.02 -5.60 -17.72
N GLU A 4 9.56 -5.96 -18.91
CA GLU A 4 8.75 -7.15 -19.11
C GLU A 4 9.63 -8.28 -19.64
N ASP A 5 10.47 -7.94 -20.62
CA ASP A 5 11.40 -8.88 -21.26
C ASP A 5 10.67 -9.92 -22.10
N GLU A 6 9.47 -9.58 -22.54
CA GLU A 6 8.67 -10.48 -23.36
C GLU A 6 8.37 -9.82 -24.71
N GLU A 7 7.39 -8.93 -24.72
CA GLU A 7 7.02 -8.22 -25.93
C GLU A 7 7.43 -6.75 -25.83
N GLU A 8 7.37 -6.23 -24.61
CA GLU A 8 7.74 -4.83 -24.32
C GLU A 8 6.80 -3.86 -25.04
N ASP A 9 5.51 -4.05 -24.87
CA ASP A 9 4.51 -3.20 -25.50
C ASP A 9 3.67 -2.51 -24.42
N ASP A 10 2.50 -1.99 -24.82
CA ASP A 10 1.59 -1.29 -23.90
C ASP A 10 2.24 -0.01 -23.35
N GLU A 11 1.62 0.60 -22.35
CA GLU A 11 2.15 1.82 -21.75
C GLU A 11 2.63 1.55 -20.34
N PHE A 12 2.58 0.30 -19.95
CA PHE A 12 3.00 -0.12 -18.62
C PHE A 12 3.36 -1.60 -18.63
N GLU A 13 4.27 -1.98 -17.75
CA GLU A 13 4.71 -3.37 -17.66
C GLU A 13 3.93 -4.10 -16.56
N GLU A 14 3.34 -3.34 -15.65
CA GLU A 14 2.58 -3.90 -14.56
C GLU A 14 1.64 -2.83 -13.98
N VAL A 15 0.68 -3.26 -13.19
CA VAL A 15 -0.28 -2.36 -12.57
C VAL A 15 -0.46 -2.69 -11.11
N ALA A 16 0.57 -3.29 -10.52
CA ALA A 16 0.54 -3.67 -9.12
C ALA A 16 1.56 -2.86 -8.33
N ASP A 17 1.73 -1.59 -8.72
CA ASP A 17 2.67 -0.70 -8.06
C ASP A 17 2.22 -0.42 -6.62
N ASP A 18 1.22 0.44 -6.46
CA ASP A 18 0.72 0.75 -5.13
C ASP A 18 -0.64 0.11 -4.92
N PRO A 19 -0.69 -0.89 -4.04
CA PRO A 19 -1.92 -1.58 -3.70
C PRO A 19 -2.70 -0.77 -2.68
N ILE A 20 -3.91 -0.37 -3.03
CA ILE A 20 -4.72 0.41 -2.13
C ILE A 20 -5.10 -0.43 -0.92
N VAL A 21 -4.59 -0.02 0.21
CA VAL A 21 -4.78 -0.73 1.46
C VAL A 21 -5.79 0.01 2.34
N MET A 22 -6.58 -0.75 3.09
CA MET A 22 -7.58 -0.17 3.95
C MET A 22 -7.03 0.09 5.34
N VAL A 23 -7.17 1.33 5.77
CA VAL A 23 -6.74 1.72 7.10
C VAL A 23 -7.90 2.40 7.81
N ALA A 24 -8.41 1.73 8.82
CA ALA A 24 -9.53 2.22 9.61
C ALA A 24 -10.79 2.30 8.75
N GLY A 25 -10.83 1.49 7.69
CA GLY A 25 -11.97 1.46 6.80
C GLY A 25 -11.88 2.48 5.70
N ARG A 26 -10.74 3.13 5.59
CA ARG A 26 -10.52 4.12 4.55
C ARG A 26 -9.40 3.65 3.63
N PRO A 27 -9.60 3.74 2.32
CA PRO A 27 -8.62 3.30 1.34
C PRO A 27 -7.54 4.35 1.02
N PHE A 28 -6.30 4.01 1.37
CA PHE A 28 -5.17 4.88 1.07
C PHE A 28 -4.13 4.08 0.32
N SER A 29 -3.07 4.76 -0.11
CA SER A 29 -2.01 4.08 -0.82
C SER A 29 -1.16 3.26 0.14
N TYR A 30 -0.69 2.10 -0.30
CA TYR A 30 0.10 1.25 0.55
C TYR A 30 1.44 1.90 0.90
N SER A 31 2.04 2.58 -0.07
CA SER A 31 3.31 3.26 0.15
C SER A 31 3.16 4.27 1.29
N GLU A 32 1.98 4.85 1.37
CA GLU A 32 1.67 5.82 2.41
C GLU A 32 1.61 5.14 3.77
N VAL A 33 0.85 4.06 3.86
CA VAL A 33 0.68 3.34 5.11
C VAL A 33 2.00 2.77 5.65
N SER A 34 2.87 2.34 4.76
CA SER A 34 4.16 1.77 5.18
C SER A 34 5.01 2.83 5.87
N GLN A 35 4.84 4.08 5.46
CA GLN A 35 5.59 5.19 6.03
C GLN A 35 4.75 5.93 7.06
N ARG A 36 3.51 5.50 7.23
CA ARG A 36 2.60 6.15 8.17
C ARG A 36 2.20 5.24 9.32
N PRO A 37 2.87 5.37 10.46
CA PRO A 37 2.55 4.59 11.64
C PRO A 37 1.14 4.91 12.14
N GLU A 38 0.73 6.17 12.00
CA GLU A 38 -0.59 6.62 12.46
C GLU A 38 -1.69 5.77 11.82
N LEU A 39 -1.34 5.18 10.71
CA LEU A 39 -2.26 4.37 9.94
C LEU A 39 -2.21 2.92 10.34
N VAL A 40 -1.03 2.31 10.30
CA VAL A 40 -0.91 0.91 10.65
C VAL A 40 -1.37 0.67 12.09
N ALA A 41 -1.16 1.66 12.95
CA ALA A 41 -1.57 1.53 14.34
C ALA A 41 -3.09 1.66 14.46
N GLN A 42 -3.72 2.19 13.41
CA GLN A 42 -5.17 2.36 13.38
C GLN A 42 -5.79 1.14 12.70
N MET A 43 -4.96 0.46 11.91
CA MET A 43 -5.37 -0.73 11.19
C MET A 43 -5.93 -1.80 12.12
N THR A 44 -7.06 -2.36 11.73
CA THR A 44 -7.67 -3.43 12.50
C THR A 44 -6.87 -4.71 12.25
N PRO A 45 -7.13 -5.79 13.00
CA PRO A 45 -6.43 -7.06 12.80
C PRO A 45 -6.46 -7.47 11.32
N GLU A 46 -7.62 -7.37 10.71
CA GLU A 46 -7.79 -7.71 9.31
C GLU A 46 -6.97 -6.79 8.41
N GLU A 47 -7.06 -5.48 8.65
CA GLU A 47 -6.34 -4.51 7.85
C GLU A 47 -4.83 -4.65 7.98
N LYS A 48 -4.34 -4.69 9.22
CA LYS A 48 -2.91 -4.80 9.46
C LYS A 48 -2.35 -6.07 8.85
N GLU A 49 -3.01 -7.19 9.12
CA GLU A 49 -2.56 -8.47 8.58
C GLU A 49 -2.59 -8.46 7.05
N ALA A 50 -3.47 -7.68 6.47
CA ALA A 50 -3.56 -7.58 5.02
C ALA A 50 -2.39 -6.78 4.47
N TYR A 51 -2.14 -5.63 5.08
CA TYR A 51 -1.06 -4.75 4.68
C TYR A 51 0.28 -5.41 4.97
N ILE A 52 0.39 -6.00 6.15
CA ILE A 52 1.58 -6.67 6.60
C ILE A 52 1.89 -7.88 5.71
N ALA A 53 0.84 -8.58 5.27
CA ALA A 53 1.01 -9.73 4.39
C ALA A 53 1.51 -9.25 3.02
N MET A 54 0.96 -8.13 2.56
CA MET A 54 1.34 -7.56 1.28
C MET A 54 2.80 -7.12 1.36
N GLY A 55 3.18 -6.54 2.48
CA GLY A 55 4.54 -6.10 2.69
C GLY A 55 5.53 -7.24 2.55
N GLN A 56 5.24 -8.35 3.23
CA GLN A 56 6.10 -9.52 3.18
C GLN A 56 6.14 -10.09 1.77
N ARG A 57 5.07 -9.89 1.02
CA ARG A 57 4.99 -10.37 -0.36
C ARG A 57 5.99 -9.60 -1.24
N MET A 58 6.42 -8.45 -0.74
CA MET A 58 7.38 -7.61 -1.46
C MET A 58 8.77 -7.78 -0.86
N PHE A 59 8.87 -8.60 0.18
CA PHE A 59 10.12 -8.86 0.86
C PHE A 59 10.89 -9.96 0.16
N GLU A 60 11.40 -9.62 -1.03
CA GLU A 60 12.17 -10.56 -1.85
C GLU A 60 11.32 -11.80 -2.16
N ASP A 61 10.05 -11.54 -2.48
CA ASP A 61 9.09 -12.59 -2.81
C ASP A 61 8.76 -13.45 -1.60
N LEU A 62 8.91 -12.83 -0.42
CA LEU A 62 8.62 -13.48 0.85
C LEU A 62 9.60 -14.63 1.09
N PHE A 63 10.65 -14.35 1.85
CA PHE A 63 11.66 -15.33 2.16
C PHE A 63 11.81 -15.50 3.67
N GLU A 64 11.03 -14.75 4.42
CA GLU A 64 11.06 -14.81 5.87
C GLU A 64 9.80 -15.47 6.41
#